data_9GQX
#
_entry.id   9GQX
#
_cell.length_a   92.165
_cell.length_b   92.165
_cell.length_c   147.903
_cell.angle_alpha   90.000
_cell.angle_beta   90.000
_cell.angle_gamma   90.000
#
_symmetry.space_group_name_H-M   'P 4'
#
loop_
_entity.id
_entity.type
_entity.pdbx_description
1 polymer Neuraminidase
2 branched beta-D-mannopyranose-(1-4)-2-acetamido-2-deoxy-beta-D-glucopyranose-(1-4)-2-acetamido-2-deoxy-beta-D-glucopyranose
3 branched 2-acetamido-2-deoxy-beta-D-glucopyranose-(1-4)-2-acetamido-2-deoxy-beta-D-glucopyranose
4 non-polymer 'CALCIUM ION'
5 non-polymer 2-acetamido-2-deoxy-beta-D-glucopyranose
6 water water
#
_entity_poly.entity_id   1
_entity_poly.type   'polypeptide(L)'
_entity_poly.pdbx_seq_one_letter_code
;MNTQILVFALIAIIPTNADKISAWSHPQFEKGGGGSHHHHHHSSSGSGAHIVMVDAYKPTKGGSGGGGSIINETADDIVY
RLTVIIDDRYESLKNLITLRADRLEMIINDNVSTILAGGSGTGSVTLAGNSSLCPISGWAIYSKDNGIRIGSKGDVFVIR
EPFISCSHLECRTFFLTQGALLNDKHSNGTVKDRSPYRTLMSCPVGEAPSPYNSRFESVAWSASACHDGISWLTIGISGP
DNGAVAVVKYNGIITDTIKSWRNNILRTQESECACVNGSCFTVMTDGPSNGQASYKIFKIEKGKVVKSVELNAPNYHYEE
CSCYPDAGDIMCVCRDNWHGSNRPWVSFNQNLEYQIGYICSGVFGDNPRPNDGTGSCSPMSSNGAYGVKGFSFKYGNGVW
IGRTKSTSSRSGFEMIWDPNGWTETDSSFSVKQDIVEITDWSGYSGSFVQHPEMTGLDCMRPCFWVELIRGRPKENTIWT
SGSSISFCGVNSDTVGWSWPDGAELPFTIDK
;
_entity_poly.pdbx_strand_id   A,B
#
loop_
_chem_comp.id
_chem_comp.type
_chem_comp.name
_chem_comp.formula
BMA D-saccharide, beta linking beta-D-mannopyranose 'C6 H12 O6'
CA non-polymer 'CALCIUM ION' 'Ca 2'
NAG D-saccharide, beta linking 2-acetamido-2-deoxy-beta-D-glucopyranose 'C8 H15 N O6'
#
# COMPACT_ATOMS: atom_id res chain seq x y z
N ALA A 101 32.29 15.61 -63.67
CA ALA A 101 32.22 14.15 -63.58
C ALA A 101 32.63 13.69 -62.18
N ASP A 102 33.61 14.37 -61.59
CA ASP A 102 34.00 14.07 -60.23
C ASP A 102 32.87 14.39 -59.26
N ARG A 103 32.17 15.49 -59.50
CA ARG A 103 30.99 15.82 -58.70
C ARG A 103 29.93 14.72 -58.79
N LEU A 104 29.69 14.21 -60.01
CA LEU A 104 28.71 13.13 -60.17
C LEU A 104 29.14 11.87 -59.43
N GLU A 105 30.42 11.49 -59.56
CA GLU A 105 30.91 10.31 -58.85
C GLU A 105 30.77 10.46 -57.34
N MET A 106 30.99 11.68 -56.83
CA MET A 106 30.86 11.92 -55.40
C MET A 106 29.41 11.80 -54.96
N ILE A 107 28.50 12.48 -55.67
CA ILE A 107 27.07 12.41 -55.35
C ILE A 107 26.57 10.97 -55.43
N ILE A 108 26.95 10.25 -56.48
CA ILE A 108 26.49 8.87 -56.64
C ILE A 108 26.94 8.03 -55.45
N ASN A 109 28.21 8.10 -55.09
CA ASN A 109 28.74 7.28 -54.00
C ASN A 109 28.05 7.61 -52.68
N ASP A 110 27.90 8.91 -52.38
CA ASP A 110 27.29 9.30 -51.12
C ASP A 110 25.82 8.92 -51.07
N ASN A 111 25.08 9.16 -52.15
CA ASN A 111 23.66 8.78 -52.15
C ASN A 111 23.49 7.27 -52.13
N VAL A 112 24.40 6.52 -52.76
CA VAL A 112 24.34 5.07 -52.72
C VAL A 112 24.55 4.57 -51.29
N SER A 113 25.49 5.16 -50.57
CA SER A 113 25.70 4.78 -49.17
C SER A 113 24.49 5.13 -48.32
N THR A 114 23.85 6.27 -48.60
CA THR A 114 22.62 6.63 -47.91
C THR A 114 21.51 5.62 -48.21
N ILE A 115 21.41 5.17 -49.47
CA ILE A 115 20.42 4.18 -49.85
C ILE A 115 20.70 2.85 -49.14
N LEU A 116 21.96 2.44 -49.08
CA LEU A 116 22.30 1.17 -48.43
C LEU A 116 21.99 1.23 -46.94
N ALA A 117 22.33 2.33 -46.27
CA ALA A 117 21.99 2.48 -44.86
C ALA A 117 20.49 2.56 -44.66
N GLY A 118 19.79 3.28 -45.55
CA GLY A 118 18.34 3.38 -45.43
C GLY A 118 17.63 2.05 -45.58
N GLY A 119 18.25 1.11 -46.30
CA GLY A 119 17.69 -0.23 -46.41
C GLY A 119 17.51 -0.91 -45.07
N SER A 120 18.35 -0.57 -44.10
CA SER A 120 18.24 -1.10 -42.74
C SER A 120 17.42 -0.19 -41.82
N GLY A 121 16.87 0.89 -42.35
CA GLY A 121 16.15 1.86 -41.53
C GLY A 121 17.04 2.90 -40.90
N THR A 122 18.30 3.00 -41.32
CA THR A 122 19.26 3.93 -40.74
C THR A 122 19.24 5.23 -41.53
N GLY A 123 18.99 6.34 -40.84
CA GLY A 123 18.91 7.64 -41.47
C GLY A 123 20.29 8.17 -41.87
N SER A 124 20.26 9.35 -42.49
CA SER A 124 21.47 10.00 -42.97
C SER A 124 21.65 11.44 -42.50
N VAL A 125 20.62 12.07 -41.93
CA VAL A 125 20.69 13.44 -41.47
C VAL A 125 20.17 13.50 -40.04
N THR A 126 20.94 14.11 -39.15
CA THR A 126 20.54 14.22 -37.76
C THR A 126 19.32 15.13 -37.62
N LEU A 127 18.51 14.86 -36.59
CA LEU A 127 17.40 15.73 -36.25
C LEU A 127 17.95 17.07 -35.75
N ALA A 128 17.43 18.17 -36.30
CA ALA A 128 17.93 19.49 -35.93
C ALA A 128 17.59 19.83 -34.49
N GLY A 129 16.32 19.66 -34.10
CA GLY A 129 15.91 19.94 -32.74
C GLY A 129 15.94 21.41 -32.37
N ASN A 130 15.91 22.31 -33.34
CA ASN A 130 15.95 23.74 -33.08
C ASN A 130 14.61 24.43 -33.24
N SER A 131 13.56 23.69 -33.61
CA SER A 131 12.24 24.29 -33.72
C SER A 131 11.57 24.35 -32.35
N SER A 132 10.61 25.25 -32.23
CA SER A 132 9.85 25.41 -31.00
C SER A 132 8.63 24.52 -31.00
N LEU A 133 8.04 24.35 -29.81
CA LEU A 133 6.83 23.56 -29.69
C LEU A 133 5.69 24.16 -30.51
N CYS A 134 4.94 23.30 -31.19
CA CYS A 134 3.81 23.76 -31.99
C CYS A 134 2.76 24.41 -31.09
N PRO A 135 2.10 25.46 -31.56
CA PRO A 135 0.91 25.95 -30.85
C PRO A 135 -0.24 24.96 -31.00
N ILE A 136 -0.86 24.63 -29.88
CA ILE A 136 -1.93 23.63 -29.85
C ILE A 136 -3.09 24.18 -29.05
N SER A 137 -4.25 23.55 -29.21
CA SER A 137 -5.42 23.85 -28.41
C SER A 137 -5.92 22.66 -27.61
N GLY A 138 -5.56 21.44 -27.98
CA GLY A 138 -6.02 20.26 -27.30
C GLY A 138 -5.25 19.05 -27.76
N TRP A 139 -5.74 17.88 -27.37
CA TRP A 139 -5.04 16.63 -27.60
C TRP A 139 -5.92 15.65 -28.35
N ALA A 140 -5.43 15.18 -29.49
CA ALA A 140 -6.12 14.18 -30.30
C ALA A 140 -5.53 12.81 -29.98
N ILE A 141 -6.40 11.84 -29.75
CA ILE A 141 -5.92 10.52 -29.35
C ILE A 141 -5.13 9.89 -30.50
N TYR A 142 -4.00 9.31 -30.15
CA TYR A 142 -3.07 8.73 -31.11
C TYR A 142 -3.08 7.21 -31.11
N SER A 143 -3.14 6.59 -29.93
CA SER A 143 -3.04 5.13 -29.88
C SER A 143 -3.68 4.58 -28.61
N LYS A 144 -4.06 3.31 -28.69
CA LYS A 144 -4.50 2.51 -27.55
C LYS A 144 -4.24 1.05 -27.90
N ASP A 145 -3.50 0.34 -27.05
CA ASP A 145 -3.08 -1.01 -27.39
C ASP A 145 -3.97 -2.10 -26.83
N ASN A 146 -4.80 -1.79 -25.82
CA ASN A 146 -5.69 -2.78 -25.20
C ASN A 146 -4.89 -4.00 -24.73
N GLY A 147 -3.68 -3.75 -24.22
CA GLY A 147 -2.73 -4.83 -23.98
C GLY A 147 -3.27 -5.90 -23.04
N ILE A 148 -3.88 -5.49 -21.93
CA ILE A 148 -4.26 -6.48 -20.92
C ILE A 148 -5.51 -7.25 -21.37
N ARG A 149 -6.48 -6.55 -21.97
CA ARG A 149 -7.63 -7.23 -22.55
C ARG A 149 -7.20 -8.33 -23.52
N ILE A 150 -6.30 -8.00 -24.44
CA ILE A 150 -5.81 -8.99 -25.40
C ILE A 150 -5.02 -10.08 -24.69
N GLY A 151 -4.24 -9.71 -23.68
CA GLY A 151 -3.42 -10.66 -22.95
C GLY A 151 -4.21 -11.63 -22.09
N SER A 152 -5.49 -11.37 -21.87
CA SER A 152 -6.34 -12.35 -21.19
C SER A 152 -6.31 -13.70 -21.90
N LYS A 153 -6.10 -13.71 -23.21
CA LYS A 153 -5.96 -14.96 -23.96
C LYS A 153 -4.70 -15.00 -24.80
N GLY A 154 -4.37 -13.91 -25.49
CA GLY A 154 -3.14 -13.86 -26.26
C GLY A 154 -1.91 -13.92 -25.38
N ASP A 155 -0.76 -14.13 -26.02
CA ASP A 155 0.53 -14.20 -25.35
C ASP A 155 1.10 -12.78 -25.27
N VAL A 156 0.84 -12.11 -24.16
CA VAL A 156 1.23 -10.70 -24.00
C VAL A 156 2.14 -10.59 -22.78
N PHE A 157 3.21 -9.81 -22.93
CA PHE A 157 4.12 -9.58 -21.83
C PHE A 157 3.40 -8.85 -20.70
N VAL A 158 3.71 -9.24 -19.46
CA VAL A 158 3.43 -8.38 -18.31
C VAL A 158 4.48 -7.28 -18.31
N ILE A 159 4.03 -6.02 -18.43
CA ILE A 159 4.94 -4.92 -18.68
C ILE A 159 4.72 -3.80 -17.67
N ARG A 160 5.65 -2.85 -17.68
CA ARG A 160 5.52 -1.58 -16.99
C ARG A 160 6.20 -0.53 -17.84
N GLU A 161 5.87 0.73 -17.59
CA GLU A 161 6.49 1.88 -18.25
C GLU A 161 6.47 1.80 -19.78
N PRO A 162 5.27 1.82 -20.40
CA PRO A 162 5.22 1.71 -21.86
C PRO A 162 5.44 3.06 -22.55
N PHE A 163 6.68 3.54 -22.52
CA PHE A 163 6.93 4.85 -23.11
C PHE A 163 7.15 4.75 -24.62
N ILE A 164 6.89 5.86 -25.29
CA ILE A 164 6.92 5.94 -26.74
C ILE A 164 8.09 6.82 -27.16
N SER A 165 8.79 6.40 -28.20
CA SER A 165 9.80 7.24 -28.83
C SER A 165 9.69 7.03 -30.34
N CYS A 166 10.00 8.07 -31.10
CA CYS A 166 9.80 8.06 -32.54
C CYS A 166 11.11 8.31 -33.25
N SER A 167 11.28 7.64 -34.39
CA SER A 167 12.39 7.96 -35.29
C SER A 167 11.87 8.89 -36.38
N HIS A 168 12.51 8.86 -37.55
CA HIS A 168 12.00 9.56 -38.71
C HIS A 168 11.07 8.69 -39.56
N LEU A 169 10.97 7.40 -39.23
CA LEU A 169 10.16 6.45 -39.98
C LEU A 169 9.01 5.84 -39.18
N GLU A 170 9.15 5.69 -37.86
CA GLU A 170 8.14 5.01 -37.07
C GLU A 170 8.15 5.53 -35.65
N CYS A 171 7.09 5.21 -34.90
CA CYS A 171 7.00 5.43 -33.47
C CYS A 171 6.84 4.08 -32.79
N ARG A 172 7.59 3.85 -31.73
CA ARG A 172 7.59 2.57 -31.05
C ARG A 172 7.27 2.78 -29.57
N THR A 173 6.60 1.78 -29.00
CA THR A 173 6.37 1.68 -27.56
C THR A 173 7.48 0.82 -26.97
N PHE A 174 8.35 1.45 -26.19
CA PHE A 174 9.32 0.75 -25.38
C PHE A 174 8.69 0.42 -24.04
N PHE A 175 9.15 -0.67 -23.43
CA PHE A 175 8.59 -1.12 -22.17
C PHE A 175 9.58 -2.04 -21.48
N LEU A 176 9.37 -2.22 -20.18
CA LEU A 176 10.13 -3.15 -19.37
C LEU A 176 9.25 -4.33 -19.02
N THR A 177 9.76 -5.54 -19.24
CA THR A 177 9.04 -6.75 -18.88
C THR A 177 9.91 -7.62 -18.00
N GLN A 178 9.28 -8.41 -17.13
CA GLN A 178 9.97 -9.37 -16.29
C GLN A 178 10.18 -10.70 -17.01
N GLY A 179 10.02 -10.73 -18.33
CA GLY A 179 10.11 -11.97 -19.07
C GLY A 179 9.01 -12.96 -18.74
N ALA A 180 7.81 -12.48 -18.42
CA ALA A 180 6.68 -13.34 -18.14
C ALA A 180 5.48 -12.84 -18.94
N LEU A 181 4.49 -13.71 -19.09
CA LEU A 181 3.30 -13.41 -19.87
C LEU A 181 2.07 -13.36 -18.96
N LEU A 182 1.07 -12.57 -19.40
CA LEU A 182 -0.19 -12.49 -18.66
C LEU A 182 -0.85 -13.85 -18.60
N ASN A 183 -1.49 -14.14 -17.46
CA ASN A 183 -2.17 -15.41 -17.21
C ASN A 183 -1.20 -16.59 -17.19
N ASP A 184 0.06 -16.33 -16.80
CA ASP A 184 1.03 -17.38 -16.56
C ASP A 184 1.58 -17.24 -15.14
N LYS A 185 1.94 -18.38 -14.55
CA LYS A 185 2.38 -18.37 -13.15
C LYS A 185 3.61 -17.51 -12.94
N HIS A 186 4.43 -17.33 -13.98
CA HIS A 186 5.62 -16.49 -13.83
C HIS A 186 5.26 -15.02 -13.67
N SER A 187 4.02 -14.63 -13.96
CA SER A 187 3.60 -13.26 -13.70
C SER A 187 3.43 -12.97 -12.22
N ASN A 188 3.62 -13.96 -11.34
CA ASN A 188 3.47 -13.70 -9.91
C ASN A 188 4.50 -12.67 -9.50
N GLY A 189 4.02 -11.56 -8.95
CA GLY A 189 4.85 -10.40 -8.71
C GLY A 189 5.71 -10.37 -7.47
N THR A 190 6.06 -11.54 -6.92
CA THR A 190 6.96 -11.51 -5.79
C THR A 190 8.41 -11.29 -6.23
N VAL A 191 8.63 -11.12 -7.52
CA VAL A 191 9.87 -10.54 -8.03
C VAL A 191 9.77 -9.03 -7.88
N LYS A 192 10.71 -8.44 -7.15
CA LYS A 192 10.74 -6.99 -7.03
C LYS A 192 11.17 -6.36 -8.35
N ASP A 193 10.78 -5.09 -8.55
CA ASP A 193 10.98 -4.43 -9.85
C ASP A 193 12.39 -4.63 -10.38
N ARG A 194 13.39 -4.55 -9.52
CA ARG A 194 14.77 -4.65 -9.97
C ARG A 194 15.14 -6.12 -9.86
N SER A 195 15.17 -6.80 -11.00
CA SER A 195 15.45 -8.22 -11.08
C SER A 195 16.38 -8.47 -12.26
N PRO A 196 17.11 -9.59 -12.23
CA PRO A 196 17.93 -9.96 -13.40
C PRO A 196 17.12 -10.38 -14.62
N TYR A 197 15.82 -10.62 -14.47
CA TYR A 197 14.98 -11.04 -15.59
C TYR A 197 14.41 -9.89 -16.39
N ARG A 198 14.49 -8.66 -15.88
CA ARG A 198 13.81 -7.55 -16.51
C ARG A 198 14.56 -7.06 -17.73
N THR A 199 13.82 -6.80 -18.80
CA THR A 199 14.41 -6.41 -20.07
C THR A 199 13.61 -5.25 -20.67
N LEU A 200 14.34 -4.37 -21.34
CA LEU A 200 13.77 -3.31 -22.17
C LEU A 200 13.56 -3.86 -23.58
N MET A 201 12.31 -3.77 -24.06
CA MET A 201 11.95 -4.22 -25.40
C MET A 201 11.02 -3.18 -26.03
N SER A 202 10.71 -3.37 -27.31
CA SER A 202 9.90 -2.39 -28.02
C SER A 202 9.03 -3.08 -29.08
N CYS A 203 7.85 -2.51 -29.28
CA CYS A 203 6.94 -2.98 -30.32
C CYS A 203 6.33 -1.78 -31.03
N PRO A 204 5.66 -1.96 -32.17
CA PRO A 204 5.00 -0.81 -32.81
C PRO A 204 3.91 -0.22 -31.94
N VAL A 205 3.77 1.10 -32.01
CA VAL A 205 2.76 1.80 -31.22
C VAL A 205 1.38 1.25 -31.55
N GLY A 206 0.58 1.02 -30.50
CA GLY A 206 -0.77 0.53 -30.66
C GLY A 206 -0.94 -0.97 -30.59
N GLU A 207 0.15 -1.74 -30.74
CA GLU A 207 0.06 -3.19 -30.72
C GLU A 207 0.28 -3.73 -29.31
N ALA A 208 -0.39 -4.83 -29.00
CA ALA A 208 -0.18 -5.48 -27.71
C ALA A 208 1.25 -6.01 -27.63
N PRO A 209 1.93 -5.84 -26.50
CA PRO A 209 3.34 -6.25 -26.38
C PRO A 209 3.47 -7.76 -26.26
N SER A 210 3.90 -8.40 -27.34
CA SER A 210 3.98 -9.85 -27.42
C SER A 210 5.41 -10.29 -27.74
N PRO A 211 5.81 -11.49 -27.29
CA PRO A 211 7.08 -12.05 -27.77
C PRO A 211 7.14 -12.23 -29.28
N TYR A 212 6.01 -12.20 -29.98
CA TYR A 212 5.99 -12.41 -31.42
C TYR A 212 6.09 -11.12 -32.21
N ASN A 213 5.99 -9.96 -31.56
CA ASN A 213 6.10 -8.69 -32.26
C ASN A 213 7.04 -7.69 -31.59
N SER A 214 7.73 -8.09 -30.52
CA SER A 214 8.57 -7.18 -29.75
C SER A 214 10.05 -7.45 -30.05
N ARG A 215 10.77 -6.38 -30.36
CA ARG A 215 12.23 -6.45 -30.52
C ARG A 215 12.92 -6.32 -29.18
N PHE A 216 14.01 -7.07 -29.00
CA PHE A 216 14.82 -6.94 -27.80
C PHE A 216 15.71 -5.71 -27.91
N GLU A 217 15.76 -4.95 -26.82
CA GLU A 217 16.60 -3.76 -26.76
C GLU A 217 17.77 -3.92 -25.80
N SER A 218 17.51 -4.27 -24.54
CA SER A 218 18.61 -4.42 -23.59
C SER A 218 18.09 -5.12 -22.34
N VAL A 219 19.02 -5.57 -21.51
CA VAL A 219 18.69 -6.05 -20.17
C VAL A 219 18.64 -4.83 -19.27
N ALA A 220 17.51 -4.63 -18.59
CA ALA A 220 17.32 -3.39 -17.87
C ALA A 220 16.17 -3.51 -16.89
N TRP A 221 16.39 -3.01 -15.68
CA TRP A 221 15.29 -2.68 -14.79
C TRP A 221 15.08 -1.18 -14.69
N SER A 222 15.93 -0.38 -15.36
CA SER A 222 15.59 1.03 -15.59
C SER A 222 16.10 1.40 -16.97
N ALA A 223 15.38 2.28 -17.68
CA ALA A 223 15.69 2.41 -19.09
C ALA A 223 15.41 3.80 -19.63
N SER A 224 15.95 4.04 -20.82
CA SER A 224 15.69 5.24 -21.62
C SER A 224 16.01 4.89 -23.07
N ALA A 225 15.39 5.61 -24.01
CA ALA A 225 15.64 5.36 -25.42
C ALA A 225 15.21 6.56 -26.25
N CYS A 226 15.95 6.82 -27.32
CA CYS A 226 15.59 7.90 -28.24
C CYS A 226 16.26 7.65 -29.59
N HIS A 227 16.01 8.55 -30.54
CA HIS A 227 16.52 8.43 -31.90
C HIS A 227 17.05 9.77 -32.37
N ASP A 228 18.29 9.80 -32.86
CA ASP A 228 18.94 11.04 -33.24
C ASP A 228 18.78 11.38 -34.72
N GLY A 229 17.93 10.64 -35.43
CA GLY A 229 17.76 10.80 -36.86
C GLY A 229 18.55 9.80 -37.69
N ILE A 230 19.60 9.22 -37.13
CA ILE A 230 20.39 8.18 -37.79
C ILE A 230 20.10 6.80 -37.22
N SER A 231 20.27 6.62 -35.91
CA SER A 231 20.11 5.32 -35.28
C SER A 231 19.45 5.48 -33.93
N TRP A 232 19.03 4.36 -33.36
CA TRP A 232 18.44 4.34 -32.03
C TRP A 232 19.52 4.31 -30.96
N LEU A 233 19.33 5.12 -29.94
CA LEU A 233 20.11 5.07 -28.71
C LEU A 233 19.25 4.43 -27.63
N THR A 234 19.79 3.40 -26.98
CA THR A 234 19.11 2.76 -25.86
C THR A 234 20.04 2.75 -24.66
N ILE A 235 19.47 3.00 -23.49
CA ILE A 235 20.18 2.97 -22.22
C ILE A 235 19.43 2.01 -21.32
N GLY A 236 20.11 0.93 -20.90
CA GLY A 236 19.49 -0.03 -20.01
C GLY A 236 20.31 -0.30 -18.77
N ILE A 237 19.72 -0.05 -17.60
CA ILE A 237 20.40 -0.19 -16.32
C ILE A 237 19.98 -1.50 -15.69
N SER A 238 20.98 -2.34 -15.41
CA SER A 238 20.82 -3.61 -14.71
C SER A 238 21.98 -3.77 -13.73
N GLY A 239 21.86 -4.76 -12.85
CA GLY A 239 22.89 -5.03 -11.87
C GLY A 239 22.42 -4.91 -10.44
N PRO A 240 23.33 -5.08 -9.50
CA PRO A 240 22.97 -4.94 -8.07
C PRO A 240 22.69 -3.49 -7.71
N ASP A 241 21.97 -3.32 -6.60
CA ASP A 241 21.59 -1.98 -6.15
C ASP A 241 22.82 -1.12 -5.82
N ASN A 242 23.88 -1.74 -5.31
CA ASN A 242 25.07 -1.01 -4.86
C ASN A 242 26.10 -0.83 -5.96
N GLY A 243 25.79 -1.19 -7.20
CA GLY A 243 26.74 -1.04 -8.28
C GLY A 243 26.12 -1.25 -9.64
N ALA A 244 24.91 -0.72 -9.83
CA ALA A 244 24.20 -0.88 -11.08
C ALA A 244 24.99 -0.26 -12.23
N VAL A 245 24.81 -0.83 -13.42
CA VAL A 245 25.50 -0.39 -14.63
C VAL A 245 24.47 -0.16 -15.73
N ALA A 246 24.56 1.02 -16.36
CA ALA A 246 23.80 1.35 -17.55
C ALA A 246 24.62 0.99 -18.77
N VAL A 247 24.09 0.09 -19.59
CA VAL A 247 24.69 -0.25 -20.88
C VAL A 247 24.07 0.66 -21.92
N VAL A 248 24.92 1.34 -22.70
CA VAL A 248 24.50 2.31 -23.71
C VAL A 248 24.80 1.71 -25.07
N LYS A 249 23.74 1.47 -25.84
CA LYS A 249 23.81 0.92 -27.19
C LYS A 249 23.39 1.96 -28.21
N TYR A 250 24.10 1.97 -29.34
CA TYR A 250 23.76 2.81 -30.49
C TYR A 250 23.64 1.90 -31.69
N ASN A 251 22.44 1.85 -32.29
CA ASN A 251 22.17 0.94 -33.39
C ASN A 251 22.39 -0.52 -32.96
N GLY A 252 22.01 -0.82 -31.72
CA GLY A 252 22.10 -2.18 -31.21
C GLY A 252 23.47 -2.62 -30.76
N ILE A 253 24.50 -1.79 -30.90
CA ILE A 253 25.87 -2.14 -30.55
C ILE A 253 26.24 -1.41 -29.28
N ILE A 254 26.79 -2.14 -28.30
CA ILE A 254 27.21 -1.51 -27.05
C ILE A 254 28.29 -0.49 -27.35
N THR A 255 28.02 0.77 -27.00
CA THR A 255 28.96 1.86 -27.23
C THR A 255 29.51 2.46 -25.96
N ASP A 256 28.84 2.28 -24.82
CA ASP A 256 29.37 2.85 -23.59
C ASP A 256 28.74 2.17 -22.40
N THR A 257 29.29 2.43 -21.21
CA THR A 257 28.70 2.02 -19.96
C THR A 257 28.82 3.16 -18.95
N ILE A 258 27.90 3.19 -18.00
CA ILE A 258 27.88 4.20 -16.94
C ILE A 258 27.60 3.48 -15.64
N LYS A 259 28.58 3.42 -14.74
CA LYS A 259 28.37 2.74 -13.47
C LYS A 259 27.91 3.72 -12.40
N SER A 260 27.14 3.19 -11.45
CA SER A 260 26.66 3.96 -10.30
C SER A 260 27.81 4.66 -9.60
N TRP A 261 27.64 5.96 -9.34
CA TRP A 261 28.64 6.75 -8.64
C TRP A 261 28.33 6.97 -7.16
N ARG A 262 27.14 6.56 -6.70
CA ARG A 262 26.74 6.65 -5.31
C ARG A 262 26.42 5.29 -4.70
N ASN A 263 26.42 4.21 -5.50
CA ASN A 263 26.13 2.85 -5.06
C ASN A 263 24.76 2.72 -4.42
N ASN A 264 23.79 3.52 -4.89
CA ASN A 264 22.45 3.51 -4.34
C ASN A 264 21.44 3.62 -5.48
N ILE A 265 21.30 2.53 -6.23
CA ILE A 265 20.28 2.36 -7.27
C ILE A 265 20.37 3.45 -8.32
N LEU A 266 21.36 3.34 -9.21
CA LEU A 266 21.39 4.15 -10.41
C LEU A 266 20.11 3.92 -11.21
N ARG A 267 19.45 5.00 -11.61
CA ARG A 267 18.14 4.88 -12.24
C ARG A 267 17.91 6.09 -13.13
N THR A 268 17.11 5.90 -14.18
CA THR A 268 16.94 6.96 -15.17
C THR A 268 15.47 7.22 -15.55
N GLN A 269 15.23 7.68 -16.78
CA GLN A 269 14.00 8.42 -17.11
C GLN A 269 12.75 7.53 -17.10
N GLU A 270 12.83 6.34 -17.69
CA GLU A 270 11.65 5.53 -18.05
C GLU A 270 10.79 6.24 -19.09
N SER A 271 11.40 7.08 -19.92
CA SER A 271 10.77 7.67 -21.10
C SER A 271 11.90 8.07 -22.04
N GLU A 272 11.52 8.69 -23.16
CA GLU A 272 12.50 8.95 -24.21
C GLU A 272 13.48 10.04 -23.80
N CYS A 273 14.75 9.85 -24.18
CA CYS A 273 15.74 10.91 -24.06
C CYS A 273 15.51 11.95 -25.16
N ALA A 274 16.30 13.03 -25.14
CA ALA A 274 16.05 14.13 -26.07
C ALA A 274 17.25 14.34 -26.97
N CYS A 275 17.03 14.45 -28.27
CA CYS A 275 18.12 14.56 -29.23
C CYS A 275 18.03 15.89 -29.97
N VAL A 276 19.16 16.58 -30.04
CA VAL A 276 19.30 17.87 -30.73
C VAL A 276 20.64 17.85 -31.47
N ASN A 277 20.60 18.09 -32.78
CA ASN A 277 21.81 18.31 -33.58
C ASN A 277 22.81 17.15 -33.50
N GLY A 278 22.31 15.93 -33.31
CA GLY A 278 23.18 14.78 -33.26
C GLY A 278 23.69 14.41 -31.88
N SER A 279 23.30 15.14 -30.85
CA SER A 279 23.65 14.82 -29.47
C SER A 279 22.36 14.53 -28.72
N CYS A 280 22.34 13.44 -27.95
CA CYS A 280 21.18 13.09 -27.16
C CYS A 280 21.50 13.27 -25.69
N PHE A 281 20.47 13.57 -24.91
CA PHE A 281 20.61 14.05 -23.55
C PHE A 281 19.65 13.28 -22.67
N THR A 282 20.15 12.92 -21.49
CA THR A 282 19.33 12.19 -20.52
C THR A 282 19.73 12.62 -19.11
N VAL A 283 18.92 12.18 -18.14
CA VAL A 283 19.14 12.50 -16.74
C VAL A 283 19.12 11.21 -15.94
N MET A 284 20.07 11.07 -15.02
CA MET A 284 20.15 9.89 -14.16
C MET A 284 20.30 10.31 -12.70
N THR A 285 19.83 9.44 -11.83
CA THR A 285 19.78 9.71 -10.40
C THR A 285 20.43 8.55 -9.66
N ASP A 286 21.22 8.88 -8.64
CA ASP A 286 21.86 7.88 -7.78
C ASP A 286 21.78 8.35 -6.34
N GLY A 287 21.22 7.51 -5.47
CA GLY A 287 21.04 7.88 -4.09
C GLY A 287 19.64 7.56 -3.58
N PRO A 288 19.31 8.08 -2.40
CA PRO A 288 18.02 7.75 -1.79
C PRO A 288 16.84 8.26 -2.61
N SER A 289 15.70 7.57 -2.46
CA SER A 289 14.44 8.02 -3.02
C SER A 289 13.59 8.75 -1.99
N ASN A 290 14.01 8.78 -0.73
CA ASN A 290 13.29 9.47 0.34
C ASN A 290 14.19 10.50 1.01
N GLY A 291 15.11 11.09 0.25
CA GLY A 291 15.99 12.10 0.78
C GLY A 291 16.86 12.67 -0.32
N GLN A 292 17.79 13.54 0.07
CA GLN A 292 18.67 14.16 -0.90
C GLN A 292 19.49 13.09 -1.62
N ALA A 293 19.56 13.21 -2.95
CA ALA A 293 20.27 12.27 -3.81
C ALA A 293 21.13 13.06 -4.78
N SER A 294 21.78 12.36 -5.70
CA SER A 294 22.64 12.98 -6.71
C SER A 294 21.98 12.83 -8.07
N TYR A 295 22.04 13.92 -8.85
CA TYR A 295 21.39 13.97 -10.16
C TYR A 295 22.39 14.47 -11.18
N LYS A 296 22.54 13.73 -12.28
CA LYS A 296 23.49 14.06 -13.34
C LYS A 296 22.76 14.14 -14.66
N ILE A 297 23.20 15.06 -15.52
CA ILE A 297 22.72 15.15 -16.89
C ILE A 297 23.87 14.77 -17.82
N PHE A 298 23.53 14.00 -18.87
CA PHE A 298 24.47 13.37 -19.77
C PHE A 298 24.21 13.81 -21.20
N LYS A 299 25.30 14.14 -21.91
CA LYS A 299 25.33 14.39 -23.35
C LYS A 299 26.09 13.26 -24.03
N ILE A 300 25.41 12.59 -24.97
CA ILE A 300 25.82 11.33 -25.58
C ILE A 300 25.76 11.47 -27.10
N GLU A 301 26.87 11.16 -27.77
CA GLU A 301 26.93 11.27 -29.23
C GLU A 301 27.37 9.94 -29.82
N LYS A 302 26.55 9.40 -30.73
CA LYS A 302 26.78 8.08 -31.32
C LYS A 302 26.93 7.01 -30.24
N GLY A 303 26.17 7.16 -29.16
CA GLY A 303 26.21 6.24 -28.05
C GLY A 303 27.36 6.41 -27.08
N LYS A 304 28.22 7.41 -27.30
CA LYS A 304 29.34 7.66 -26.40
C LYS A 304 29.05 8.89 -25.54
N VAL A 305 29.16 8.73 -24.23
CA VAL A 305 29.02 9.86 -23.31
C VAL A 305 30.16 10.83 -23.57
N VAL A 306 29.83 12.01 -24.09
CA VAL A 306 30.84 13.03 -24.33
C VAL A 306 30.86 14.08 -23.23
N LYS A 307 29.79 14.21 -22.44
CA LYS A 307 29.87 15.13 -21.31
C LYS A 307 28.84 14.73 -20.26
N SER A 308 29.14 15.06 -19.01
CA SER A 308 28.19 14.91 -17.93
C SER A 308 28.43 16.01 -16.90
N VAL A 309 27.36 16.53 -16.32
CA VAL A 309 27.50 17.46 -15.20
C VAL A 309 26.53 17.06 -14.11
N GLU A 310 26.97 17.20 -12.86
CA GLU A 310 26.12 16.93 -11.71
C GLU A 310 25.43 18.21 -11.27
N LEU A 311 24.12 18.13 -11.08
CA LEU A 311 23.34 19.29 -10.69
C LEU A 311 23.64 19.68 -9.25
N ASN A 312 23.89 20.96 -9.03
CA ASN A 312 23.96 21.52 -7.67
C ASN A 312 22.55 21.96 -7.31
N ALA A 313 21.77 21.03 -6.75
CA ALA A 313 20.35 21.23 -6.50
C ALA A 313 20.01 20.87 -5.06
N PRO A 314 20.45 21.68 -4.10
CA PRO A 314 20.13 21.40 -2.70
C PRO A 314 18.62 21.51 -2.46
N ASN A 315 18.09 20.53 -1.73
CA ASN A 315 16.69 20.39 -1.35
C ASN A 315 15.79 19.99 -2.52
N TYR A 316 16.35 19.78 -3.71
CA TYR A 316 15.62 19.28 -4.86
C TYR A 316 15.70 17.74 -4.93
N HIS A 317 14.78 17.14 -5.69
CA HIS A 317 14.80 15.70 -5.89
C HIS A 317 14.30 15.39 -7.30
N TYR A 318 15.12 14.70 -8.09
CA TYR A 318 14.82 14.37 -9.48
C TYR A 318 14.77 12.87 -9.66
N GLU A 319 13.66 12.38 -10.21
CA GLU A 319 13.50 10.98 -10.58
C GLU A 319 12.57 10.88 -11.77
N GLU A 320 12.86 9.92 -12.65
CA GLU A 320 11.97 9.54 -13.75
C GLU A 320 11.60 10.74 -14.62
N CYS A 321 12.62 11.40 -15.15
CA CYS A 321 12.43 12.66 -15.86
C CYS A 321 11.81 12.46 -17.23
N SER A 322 10.86 13.32 -17.59
CA SER A 322 10.32 13.40 -18.94
C SER A 322 10.98 14.59 -19.63
N CYS A 323 11.85 14.31 -20.60
CA CYS A 323 12.63 15.35 -21.26
C CYS A 323 12.19 15.49 -22.71
N TYR A 324 12.20 16.72 -23.20
CA TYR A 324 11.87 17.02 -24.58
C TYR A 324 12.75 18.16 -25.10
N PRO A 325 13.02 18.17 -26.41
CA PRO A 325 13.74 19.28 -27.02
C PRO A 325 12.81 20.42 -27.40
N ASP A 326 13.35 21.63 -27.33
CA ASP A 326 12.61 22.84 -27.65
C ASP A 326 13.62 23.94 -27.96
N ALA A 327 13.60 24.42 -29.20
CA ALA A 327 14.43 25.55 -29.63
C ALA A 327 15.91 25.32 -29.35
N GLY A 328 16.36 24.09 -29.56
CA GLY A 328 17.76 23.75 -29.36
C GLY A 328 18.17 23.53 -27.93
N ASP A 329 17.26 23.64 -26.97
CA ASP A 329 17.53 23.33 -25.58
C ASP A 329 16.70 22.12 -25.17
N ILE A 330 16.91 21.66 -23.94
CA ILE A 330 16.22 20.51 -23.40
C ILE A 330 15.48 20.95 -22.15
N MET A 331 14.23 20.52 -22.01
CA MET A 331 13.45 20.74 -20.80
C MET A 331 13.03 19.38 -20.24
N CYS A 332 13.27 19.17 -18.95
CA CYS A 332 12.90 17.92 -18.28
C CYS A 332 11.98 18.26 -17.12
N VAL A 333 10.82 17.62 -17.09
CA VAL A 333 9.88 17.72 -15.99
C VAL A 333 9.86 16.38 -15.28
N CYS A 334 10.13 16.37 -13.98
CA CYS A 334 10.46 15.13 -13.31
C CYS A 334 9.56 14.85 -12.12
N ARG A 335 10.03 13.98 -11.24
CA ARG A 335 9.26 13.51 -10.09
C ARG A 335 10.09 13.71 -8.82
N ASP A 336 9.54 14.47 -7.87
CA ASP A 336 10.15 14.63 -6.54
C ASP A 336 9.52 13.57 -5.64
N ASN A 337 10.24 12.48 -5.43
CA ASN A 337 9.75 11.40 -4.57
C ASN A 337 10.02 11.66 -3.10
N TRP A 338 10.75 12.73 -2.78
CA TRP A 338 11.20 13.04 -1.43
C TRP A 338 10.18 13.88 -0.68
N HIS A 339 9.91 15.09 -1.16
CA HIS A 339 9.07 16.02 -0.42
C HIS A 339 8.44 17.07 -1.33
N GLY A 340 7.99 16.66 -2.51
CA GLY A 340 7.39 17.60 -3.43
C GLY A 340 6.16 17.04 -4.13
N SER A 341 5.02 17.71 -3.95
CA SER A 341 3.81 17.38 -4.68
C SER A 341 3.64 18.20 -5.97
N ASN A 342 4.47 19.22 -6.16
CA ASN A 342 4.63 19.84 -7.46
C ASN A 342 5.83 19.23 -8.17
N ARG A 343 5.92 19.48 -9.48
CA ARG A 343 6.96 18.69 -10.14
C ARG A 343 8.24 19.51 -10.29
N PRO A 344 9.38 18.89 -10.03
CA PRO A 344 10.66 19.54 -10.33
C PRO A 344 10.97 19.51 -11.82
N TRP A 345 11.79 20.47 -12.23
CA TRP A 345 12.21 20.56 -13.62
C TRP A 345 13.65 21.05 -13.72
N VAL A 346 14.30 20.64 -14.79
CA VAL A 346 15.66 21.07 -15.12
C VAL A 346 15.74 21.28 -16.63
N SER A 347 16.25 22.43 -17.05
CA SER A 347 16.45 22.71 -18.46
C SER A 347 17.93 22.97 -18.70
N PHE A 348 18.40 22.69 -19.91
CA PHE A 348 19.80 22.93 -20.20
C PHE A 348 20.04 23.05 -21.70
N ASN A 349 21.15 23.67 -22.05
CA ASN A 349 21.55 23.81 -23.44
C ASN A 349 22.45 22.64 -23.84
N GLN A 350 22.98 22.67 -25.06
CA GLN A 350 23.77 21.56 -25.56
C GLN A 350 25.14 21.46 -24.90
N ASN A 351 25.54 22.45 -24.11
CA ASN A 351 26.77 22.38 -23.33
C ASN A 351 26.50 22.01 -21.87
N LEU A 352 25.28 21.57 -21.57
CA LEU A 352 24.87 21.14 -20.23
C LEU A 352 24.93 22.27 -19.21
N GLU A 353 24.81 23.51 -19.66
CA GLU A 353 24.61 24.64 -18.75
C GLU A 353 23.13 24.74 -18.44
N TYR A 354 22.77 24.63 -17.16
CA TYR A 354 21.42 24.29 -16.79
C TYR A 354 20.78 25.35 -15.88
N GLN A 355 19.46 25.22 -15.77
CA GLN A 355 18.63 25.91 -14.80
C GLN A 355 17.70 24.88 -14.17
N ILE A 356 17.28 25.14 -12.92
CA ILE A 356 16.44 24.23 -12.19
C ILE A 356 15.29 24.98 -11.54
N GLY A 357 14.25 24.24 -11.17
CA GLY A 357 13.17 24.84 -10.43
C GLY A 357 12.05 23.85 -10.18
N TYR A 358 10.93 24.39 -9.72
CA TYR A 358 9.70 23.63 -9.54
C TYR A 358 8.56 24.36 -10.24
N ILE A 359 7.61 23.60 -10.76
CA ILE A 359 6.42 24.20 -11.37
C ILE A 359 5.64 24.91 -10.27
N CYS A 360 5.41 26.21 -10.46
CA CYS A 360 4.85 27.04 -9.39
C CYS A 360 3.34 26.90 -9.24
N SER A 361 2.65 26.37 -10.24
CA SER A 361 1.19 26.40 -10.24
C SER A 361 0.60 25.69 -9.03
N GLY A 362 -0.49 26.25 -8.51
CA GLY A 362 -1.29 25.57 -7.51
C GLY A 362 -2.08 24.40 -8.03
N VAL A 363 -2.09 24.19 -9.35
CA VAL A 363 -2.60 22.95 -9.92
C VAL A 363 -1.49 21.91 -9.82
N PHE A 364 -1.42 21.24 -8.67
CA PHE A 364 -0.30 20.34 -8.38
C PHE A 364 -0.33 19.13 -9.31
N GLY A 365 0.84 18.77 -9.83
CA GLY A 365 0.94 17.77 -10.88
C GLY A 365 1.31 16.37 -10.45
N ASP A 366 1.79 16.18 -9.22
CA ASP A 366 2.25 14.87 -8.78
C ASP A 366 1.10 14.10 -8.14
N ASN A 367 1.39 12.86 -7.73
CA ASN A 367 0.41 11.98 -7.08
C ASN A 367 1.14 11.04 -6.12
N PRO A 368 0.85 11.08 -4.82
CA PRO A 368 -0.19 11.86 -4.11
C PRO A 368 0.11 13.35 -4.10
N ARG A 369 -0.87 14.15 -3.68
CA ARG A 369 -0.75 15.60 -3.69
C ARG A 369 -1.86 16.16 -2.80
N PRO A 370 -1.74 17.41 -2.36
CA PRO A 370 -2.85 18.06 -1.66
C PRO A 370 -3.89 18.53 -2.67
N ASN A 371 -5.02 18.99 -2.14
CA ASN A 371 -5.99 19.64 -3.00
C ASN A 371 -5.40 20.93 -3.56
N ASP A 372 -5.94 21.36 -4.70
CA ASP A 372 -5.42 22.55 -5.34
C ASP A 372 -5.53 23.75 -4.41
N GLY A 373 -4.52 24.61 -4.44
CA GLY A 373 -4.48 25.80 -3.61
C GLY A 373 -3.36 26.71 -4.03
N THR A 374 -2.69 27.34 -3.06
CA THR A 374 -1.55 28.17 -3.37
C THR A 374 -0.35 27.28 -3.67
N GLY A 375 0.26 27.47 -4.83
CA GLY A 375 1.41 26.70 -5.23
C GLY A 375 2.70 27.32 -4.73
N SER A 376 3.81 26.67 -5.09
CA SER A 376 5.13 27.12 -4.69
C SER A 376 6.13 26.86 -5.80
N CYS A 377 7.09 27.77 -5.94
CA CYS A 377 8.22 27.55 -6.82
C CYS A 377 9.33 26.77 -6.13
N SER A 378 9.11 26.39 -4.87
CA SER A 378 9.95 25.49 -4.10
C SER A 378 9.21 24.16 -3.89
N PRO A 379 9.89 23.13 -3.38
CA PRO A 379 9.21 21.86 -3.13
C PRO A 379 8.02 22.02 -2.19
N MET A 380 6.86 21.54 -2.64
CA MET A 380 5.63 21.55 -1.85
C MET A 380 5.61 20.31 -0.95
N SER A 381 5.84 20.52 0.35
CA SER A 381 6.06 19.40 1.27
C SER A 381 4.77 18.60 1.49
N SER A 382 3.62 19.26 1.50
CA SER A 382 2.36 18.61 1.84
C SER A 382 2.05 17.47 0.88
N ASN A 383 1.94 16.25 1.42
CA ASN A 383 1.71 15.04 0.64
C ASN A 383 2.76 14.86 -0.45
N GLY A 384 3.95 15.40 -0.22
CA GLY A 384 4.98 15.46 -1.24
C GLY A 384 5.84 14.22 -1.36
N ALA A 385 5.87 13.38 -0.32
CA ALA A 385 6.61 12.14 -0.38
C ALA A 385 5.95 11.21 -1.40
N TYR A 386 6.75 10.29 -1.94
CA TYR A 386 6.32 9.40 -3.02
C TYR A 386 5.95 10.23 -4.24
N GLY A 387 5.33 9.62 -5.24
CA GLY A 387 5.00 10.35 -6.45
C GLY A 387 4.59 9.41 -7.56
N VAL A 388 4.62 9.94 -8.78
CA VAL A 388 4.37 9.16 -9.99
C VAL A 388 5.11 9.84 -11.12
N LYS A 389 5.64 9.04 -12.05
CA LYS A 389 6.26 9.63 -13.22
C LYS A 389 5.25 10.45 -13.99
N GLY A 390 5.64 11.67 -14.37
CA GLY A 390 4.76 12.55 -15.09
C GLY A 390 5.50 13.45 -16.04
N PHE A 391 4.79 14.41 -16.62
CA PHE A 391 5.37 15.30 -17.61
C PHE A 391 4.64 16.63 -17.54
N SER A 392 5.22 17.62 -18.21
CA SER A 392 4.53 18.88 -18.48
C SER A 392 5.22 19.54 -19.66
N PHE A 393 4.47 20.39 -20.36
CA PHE A 393 4.99 21.14 -21.50
C PHE A 393 4.92 22.62 -21.20
N LYS A 394 6.04 23.31 -21.36
CA LYS A 394 6.14 24.72 -21.02
C LYS A 394 5.94 25.58 -22.26
N TYR A 395 5.02 26.54 -22.18
CA TYR A 395 4.75 27.52 -23.24
C TYR A 395 4.86 28.90 -22.60
N GLY A 396 6.04 29.51 -22.65
CA GLY A 396 6.24 30.79 -21.99
C GLY A 396 6.07 30.64 -20.49
N ASN A 397 5.15 31.41 -19.91
CA ASN A 397 4.83 31.29 -18.50
C ASN A 397 3.70 30.30 -18.24
N GLY A 398 3.08 29.76 -19.31
CA GLY A 398 2.03 28.77 -19.15
C GLY A 398 2.55 27.35 -19.24
N VAL A 399 1.71 26.41 -18.83
CA VAL A 399 2.12 25.02 -18.77
C VAL A 399 0.92 24.13 -19.06
N TRP A 400 1.16 23.12 -19.92
CA TRP A 400 0.26 21.99 -20.05
C TRP A 400 0.68 20.92 -19.04
N ILE A 401 -0.23 20.60 -18.12
CA ILE A 401 0.00 19.67 -17.04
C ILE A 401 -0.83 18.42 -17.29
N GLY A 402 -0.17 17.26 -17.29
CA GLY A 402 -0.87 15.99 -17.27
C GLY A 402 -0.81 15.43 -15.86
N ARG A 403 -1.98 15.09 -15.33
CA ARG A 403 -1.99 14.62 -13.94
C ARG A 403 -3.15 13.66 -13.73
N THR A 404 -3.03 12.87 -12.66
CA THR A 404 -4.16 12.06 -12.23
C THR A 404 -5.30 12.96 -11.77
N LYS A 405 -6.50 12.38 -11.74
CA LYS A 405 -7.64 13.11 -11.21
C LYS A 405 -7.75 12.98 -9.69
N SER A 406 -7.31 11.86 -9.13
CA SER A 406 -7.29 11.66 -7.69
C SER A 406 -6.06 12.29 -7.08
N THR A 407 -6.22 12.83 -5.87
CA THR A 407 -5.11 13.37 -5.12
C THR A 407 -4.36 12.31 -4.31
N SER A 408 -4.89 11.09 -4.24
CA SER A 408 -4.34 10.08 -3.34
C SER A 408 -3.91 8.80 -4.05
N SER A 409 -4.62 8.38 -5.09
CA SER A 409 -4.29 7.16 -5.81
C SER A 409 -4.05 7.48 -7.28
N ARG A 410 -3.41 6.54 -7.98
CA ARG A 410 -3.17 6.69 -9.42
C ARG A 410 -4.45 6.33 -10.17
N SER A 411 -5.41 7.25 -10.09
CA SER A 411 -6.75 7.08 -10.67
C SER A 411 -7.07 8.29 -11.54
N GLY A 412 -7.61 8.04 -12.73
CA GLY A 412 -8.01 9.10 -13.63
C GLY A 412 -6.83 9.79 -14.28
N PHE A 413 -7.10 10.57 -15.31
CA PHE A 413 -6.07 11.38 -15.95
C PHE A 413 -6.71 12.54 -16.68
N GLU A 414 -6.00 13.67 -16.67
CA GLU A 414 -6.52 14.89 -17.27
C GLU A 414 -5.36 15.79 -17.71
N MET A 415 -5.61 16.53 -18.79
CA MET A 415 -4.72 17.57 -19.30
C MET A 415 -5.28 18.93 -18.91
N ILE A 416 -4.42 19.80 -18.40
CA ILE A 416 -4.82 21.12 -17.90
C ILE A 416 -3.88 22.17 -18.49
N TRP A 417 -4.44 23.15 -19.18
CA TRP A 417 -3.66 24.29 -19.67
C TRP A 417 -3.79 25.41 -18.65
N ASP A 418 -2.68 25.76 -18.01
CA ASP A 418 -2.62 26.86 -17.06
C ASP A 418 -1.75 27.96 -17.66
N PRO A 419 -2.34 29.04 -18.19
CA PRO A 419 -1.55 30.00 -18.96
C PRO A 419 -0.53 30.80 -18.15
N ASN A 420 -0.51 30.66 -16.82
CA ASN A 420 0.53 31.28 -16.01
C ASN A 420 1.14 30.28 -15.02
N GLY A 421 0.94 28.98 -15.24
CA GLY A 421 1.25 27.98 -14.24
C GLY A 421 2.72 27.68 -14.07
N TRP A 422 3.56 28.06 -15.03
CA TRP A 422 4.98 27.78 -14.87
C TRP A 422 5.62 28.68 -13.83
N THR A 423 5.16 29.93 -13.72
CA THR A 423 5.76 30.91 -12.84
C THR A 423 4.85 31.41 -11.72
N GLU A 424 3.54 31.32 -11.88
CA GLU A 424 2.61 31.84 -10.88
C GLU A 424 2.01 30.71 -10.06
N THR A 425 1.61 31.04 -8.84
CA THR A 425 1.22 30.06 -7.82
C THR A 425 -0.29 29.92 -7.64
N ASP A 426 -1.09 30.63 -8.42
CA ASP A 426 -2.54 30.48 -8.29
C ASP A 426 -2.99 29.12 -8.81
N SER A 427 -4.14 28.68 -8.31
CA SER A 427 -4.70 27.38 -8.68
C SER A 427 -5.73 27.47 -9.81
N SER A 428 -5.78 28.59 -10.51
CA SER A 428 -6.73 28.77 -11.61
C SER A 428 -6.09 28.35 -12.93
N PHE A 429 -6.91 27.79 -13.81
CA PHE A 429 -6.48 27.36 -15.12
C PHE A 429 -7.57 27.68 -16.13
N SER A 430 -7.21 27.59 -17.41
CA SER A 430 -8.12 27.95 -18.50
C SER A 430 -8.89 26.74 -19.03
N VAL A 431 -8.18 25.65 -19.37
CA VAL A 431 -8.76 24.53 -20.10
C VAL A 431 -8.42 23.23 -19.36
N LYS A 432 -9.40 22.33 -19.31
CA LYS A 432 -9.20 20.97 -18.82
C LYS A 432 -9.77 20.00 -19.85
N GLN A 433 -8.97 19.01 -20.22
CA GLN A 433 -9.41 17.97 -21.15
C GLN A 433 -9.33 16.62 -20.43
N ASP A 434 -10.49 15.97 -20.26
CA ASP A 434 -10.53 14.67 -19.61
C ASP A 434 -9.90 13.60 -20.49
N ILE A 435 -9.11 12.73 -19.87
CA ILE A 435 -8.42 11.64 -20.56
C ILE A 435 -8.85 10.29 -20.02
N VAL A 436 -8.88 10.14 -18.71
CA VAL A 436 -9.34 8.91 -18.06
C VAL A 436 -10.23 9.30 -16.89
N GLU A 437 -11.38 8.65 -16.77
CA GLU A 437 -12.29 8.90 -15.66
C GLU A 437 -11.61 8.59 -14.33
N ILE A 438 -12.01 9.32 -13.28
CA ILE A 438 -11.41 9.10 -11.97
C ILE A 438 -11.78 7.74 -11.40
N THR A 439 -12.85 7.14 -11.88
CA THR A 439 -13.26 5.81 -11.45
C THR A 439 -12.39 4.70 -12.03
N ASP A 440 -11.41 5.03 -12.85
CA ASP A 440 -10.58 4.05 -13.56
C ASP A 440 -9.11 4.32 -13.28
N TRP A 441 -8.31 3.25 -13.40
CA TRP A 441 -6.90 3.29 -13.03
C TRP A 441 -6.06 3.98 -14.11
N SER A 442 -5.10 4.78 -13.67
CA SER A 442 -4.07 5.30 -14.54
C SER A 442 -2.70 4.85 -14.04
N GLY A 443 -1.71 5.73 -14.08
CA GLY A 443 -0.37 5.39 -13.63
C GLY A 443 0.70 6.32 -14.18
N TYR A 444 1.85 5.76 -14.55
CA TYR A 444 2.92 6.58 -15.13
C TYR A 444 2.43 7.28 -16.39
N SER A 445 3.05 8.42 -16.68
CA SER A 445 2.80 9.13 -17.92
C SER A 445 4.09 9.81 -18.33
N GLY A 446 4.22 10.06 -19.62
CA GLY A 446 5.43 10.69 -20.10
C GLY A 446 5.17 11.45 -21.38
N SER A 447 6.14 12.29 -21.72
CA SER A 447 6.11 13.05 -22.97
C SER A 447 6.89 12.33 -24.06
N PHE A 448 6.53 12.62 -25.30
CA PHE A 448 7.37 12.31 -26.44
C PHE A 448 7.08 13.35 -27.51
N VAL A 449 8.02 13.51 -28.44
CA VAL A 449 7.87 14.55 -29.45
C VAL A 449 7.96 13.94 -30.82
N GLN A 450 7.34 14.61 -31.78
CA GLN A 450 7.48 14.29 -33.19
C GLN A 450 8.18 15.47 -33.86
N HIS A 451 9.37 15.20 -34.40
CA HIS A 451 10.24 16.21 -34.96
C HIS A 451 9.76 16.62 -36.36
N PRO A 452 10.15 17.81 -36.82
CA PRO A 452 9.82 18.21 -38.20
C PRO A 452 10.28 17.22 -39.24
N GLU A 453 11.40 16.53 -39.03
CA GLU A 453 11.90 15.57 -40.01
C GLU A 453 10.95 14.39 -40.20
N MET A 454 10.03 14.18 -39.25
CA MET A 454 9.01 13.14 -39.34
C MET A 454 7.65 13.67 -39.78
N THR A 455 7.25 14.83 -39.28
CA THR A 455 5.92 15.37 -39.51
C THR A 455 5.81 16.23 -40.76
N GLY A 456 6.88 16.91 -41.15
CA GLY A 456 6.79 17.92 -42.19
C GLY A 456 6.39 19.29 -41.70
N LEU A 457 6.10 19.43 -40.41
CA LEU A 457 5.74 20.71 -39.82
C LEU A 457 6.99 21.57 -39.63
N ASP A 458 6.77 22.84 -39.30
CA ASP A 458 7.85 23.76 -38.99
C ASP A 458 8.08 23.92 -37.50
N CYS A 459 7.52 23.02 -36.68
CA CYS A 459 7.59 23.13 -35.23
C CYS A 459 7.70 21.73 -34.64
N MET A 460 8.00 21.70 -33.34
CA MET A 460 8.15 20.45 -32.59
C MET A 460 6.78 20.03 -32.05
N ARG A 461 6.31 18.85 -32.47
CA ARG A 461 4.99 18.43 -32.02
C ARG A 461 5.08 17.75 -30.66
N PRO A 462 4.35 18.22 -29.65
CA PRO A 462 4.30 17.50 -28.38
C PRO A 462 3.23 16.41 -28.38
N CYS A 463 3.55 15.33 -27.68
CA CYS A 463 2.65 14.21 -27.50
C CYS A 463 2.93 13.64 -26.12
N PHE A 464 2.01 12.80 -25.65
CA PHE A 464 2.23 12.14 -24.37
C PHE A 464 1.56 10.79 -24.36
N TRP A 465 2.08 9.92 -23.49
CA TRP A 465 1.55 8.60 -23.28
C TRP A 465 1.17 8.45 -21.81
N VAL A 466 0.19 7.60 -21.56
CA VAL A 466 -0.31 7.31 -20.22
C VAL A 466 -0.37 5.80 -20.05
N GLU A 467 0.14 5.33 -18.91
CA GLU A 467 0.12 3.92 -18.54
C GLU A 467 -1.07 3.65 -17.62
N LEU A 468 -1.87 2.66 -17.99
CA LEU A 468 -3.06 2.26 -17.23
C LEU A 468 -2.72 0.97 -16.52
N ILE A 469 -2.50 1.08 -15.20
CA ILE A 469 -1.98 -0.01 -14.38
C ILE A 469 -3.12 -0.84 -13.83
N ARG A 470 -3.00 -2.16 -13.97
CA ARG A 470 -3.96 -3.10 -13.39
C ARG A 470 -3.20 -4.13 -12.56
N GLY A 471 -3.88 -4.66 -11.54
CA GLY A 471 -3.31 -5.70 -10.71
C GLY A 471 -2.90 -5.23 -9.33
N ARG A 472 -1.84 -5.83 -8.78
CA ARG A 472 -1.36 -5.40 -7.48
C ARG A 472 -0.83 -3.97 -7.55
N PRO A 473 -0.90 -3.23 -6.43
CA PRO A 473 -1.36 -3.67 -5.10
C PRO A 473 -2.86 -3.49 -4.83
N LYS A 474 -3.58 -2.74 -5.64
CA LYS A 474 -4.96 -2.41 -5.29
C LYS A 474 -5.98 -3.45 -5.72
N GLU A 475 -5.61 -4.39 -6.59
CA GLU A 475 -6.55 -5.40 -7.06
C GLU A 475 -6.03 -6.77 -6.68
N ASN A 476 -6.96 -7.72 -6.51
CA ASN A 476 -6.65 -9.03 -5.92
C ASN A 476 -6.13 -9.99 -6.99
N THR A 477 -4.93 -9.70 -7.48
CA THR A 477 -4.25 -10.54 -8.46
C THR A 477 -2.86 -10.87 -7.95
N ILE A 478 -2.19 -11.79 -8.66
CA ILE A 478 -0.80 -12.11 -8.37
C ILE A 478 0.17 -11.28 -9.19
N TRP A 479 -0.34 -10.43 -10.08
CA TRP A 479 0.46 -9.76 -11.09
C TRP A 479 0.12 -8.28 -11.13
N THR A 480 1.00 -7.52 -11.79
CA THR A 480 0.78 -6.11 -12.06
C THR A 480 1.27 -5.82 -13.46
N SER A 481 0.42 -5.19 -14.27
CA SER A 481 0.80 -4.86 -15.64
C SER A 481 0.19 -3.53 -16.02
N GLY A 482 0.54 -3.04 -17.21
CA GLY A 482 -0.03 -1.81 -17.70
C GLY A 482 -0.31 -1.83 -19.19
N SER A 483 -1.43 -1.26 -19.59
CA SER A 483 -1.67 -0.97 -21.00
C SER A 483 -1.37 0.50 -21.24
N SER A 484 -1.47 0.95 -22.49
CA SER A 484 -1.06 2.30 -22.82
C SER A 484 -2.08 3.01 -23.69
N ILE A 485 -2.18 4.32 -23.50
CA ILE A 485 -2.84 5.21 -24.45
C ILE A 485 -1.88 6.33 -24.77
N SER A 486 -2.11 6.99 -25.90
CA SER A 486 -1.24 8.09 -26.29
C SER A 486 -2.01 9.11 -27.13
N PHE A 487 -1.64 10.38 -26.94
CA PHE A 487 -2.26 11.54 -27.56
C PHE A 487 -1.18 12.45 -28.12
N CYS A 488 -1.53 13.22 -29.15
CA CYS A 488 -0.65 14.26 -29.67
C CYS A 488 -1.40 15.58 -29.70
N GLY A 489 -0.69 16.67 -29.42
CA GLY A 489 -1.31 17.98 -29.43
C GLY A 489 -1.56 18.48 -30.84
N VAL A 490 -2.75 19.03 -31.05
CA VAL A 490 -3.12 19.61 -32.33
C VAL A 490 -3.72 20.99 -32.08
N ASN A 491 -3.63 21.83 -33.10
CA ASN A 491 -4.31 23.13 -33.10
C ASN A 491 -5.61 23.04 -33.87
N SER A 492 -6.44 22.08 -33.49
CA SER A 492 -7.74 21.86 -34.11
C SER A 492 -8.68 21.32 -33.05
N ASP A 493 -9.90 20.97 -33.47
CA ASP A 493 -10.94 20.57 -32.52
C ASP A 493 -10.60 19.25 -31.84
N THR A 494 -10.82 19.20 -30.53
CA THR A 494 -10.59 18.01 -29.73
C THR A 494 -11.77 17.82 -28.78
N VAL A 495 -11.72 16.75 -27.99
CA VAL A 495 -12.79 16.46 -27.05
C VAL A 495 -12.20 15.63 -25.90
N GLY A 496 -12.83 15.74 -24.74
CA GLY A 496 -12.46 14.94 -23.59
C GLY A 496 -13.38 13.74 -23.46
N TRP A 497 -12.86 12.67 -22.87
CA TRP A 497 -13.60 11.43 -22.69
C TRP A 497 -12.85 10.61 -21.65
N SER A 498 -13.11 9.30 -21.62
CA SER A 498 -12.36 8.38 -20.78
C SER A 498 -12.02 7.16 -21.61
N TRP A 499 -10.73 6.90 -21.78
CA TRP A 499 -10.24 5.72 -22.49
C TRP A 499 -9.51 4.81 -21.52
N PRO A 500 -10.22 4.08 -20.68
CA PRO A 500 -9.57 3.29 -19.62
C PRO A 500 -9.01 1.98 -20.17
N ASP A 501 -8.43 1.20 -19.26
CA ASP A 501 -7.80 -0.07 -19.65
C ASP A 501 -8.82 -1.05 -20.19
N GLY A 502 -9.84 -1.37 -19.40
CA GLY A 502 -10.97 -2.15 -19.87
C GLY A 502 -10.94 -3.63 -19.55
N ALA A 503 -9.90 -4.11 -18.87
CA ALA A 503 -9.81 -5.53 -18.57
C ALA A 503 -10.67 -5.88 -17.36
N GLU A 504 -11.21 -7.10 -17.38
CA GLU A 504 -12.02 -7.66 -16.30
C GLU A 504 -11.13 -8.55 -15.45
N LEU A 505 -10.82 -8.09 -14.23
CA LEU A 505 -10.00 -8.78 -13.26
C LEU A 505 -10.87 -9.43 -12.19
N PRO A 506 -10.37 -10.47 -11.52
CA PRO A 506 -9.06 -11.12 -11.68
C PRO A 506 -9.04 -12.04 -12.88
N PHE A 507 -7.86 -12.48 -13.31
CA PHE A 507 -7.74 -13.38 -14.45
C PHE A 507 -7.77 -14.84 -13.98
N THR A 508 -7.73 -15.76 -14.94
CA THR A 508 -7.77 -17.18 -14.65
C THR A 508 -6.62 -17.60 -13.73
N ILE A 509 -5.42 -17.07 -13.99
CA ILE A 509 -4.25 -17.42 -13.20
C ILE A 509 -4.39 -17.00 -11.73
N ASP A 510 -5.32 -16.09 -11.43
CA ASP A 510 -5.45 -15.61 -10.06
C ASP A 510 -6.37 -16.48 -9.20
N LYS A 511 -7.05 -17.45 -9.79
CA LYS A 511 -7.92 -18.33 -9.02
C LYS A 511 -7.44 -19.78 -9.10
N ALA B 101 -33.52 -15.29 63.22
CA ALA B 101 -32.83 -14.03 63.46
C ALA B 101 -31.39 -14.11 62.98
N ASP B 102 -30.78 -15.28 63.12
CA ASP B 102 -29.42 -15.48 62.64
C ASP B 102 -29.36 -15.44 61.11
N ARG B 103 -30.33 -16.03 60.43
CA ARG B 103 -30.39 -15.92 58.98
C ARG B 103 -30.47 -14.48 58.53
N LEU B 104 -31.30 -13.68 59.21
CA LEU B 104 -31.44 -12.27 58.87
C LEU B 104 -30.12 -11.53 59.04
N GLU B 105 -29.42 -11.77 60.15
CA GLU B 105 -28.14 -11.12 60.39
C GLU B 105 -27.11 -11.46 59.31
N MET B 106 -27.08 -12.73 58.89
CA MET B 106 -26.13 -13.15 57.86
C MET B 106 -26.47 -12.55 56.51
N ILE B 107 -27.74 -12.63 56.10
CA ILE B 107 -28.16 -12.07 54.83
C ILE B 107 -27.84 -10.58 54.79
N ILE B 108 -28.13 -9.86 55.87
CA ILE B 108 -27.87 -8.42 55.91
C ILE B 108 -26.37 -8.15 55.75
N ASN B 109 -25.54 -8.85 56.52
CA ASN B 109 -24.10 -8.63 56.46
C ASN B 109 -23.53 -8.94 55.09
N ASP B 110 -23.93 -10.07 54.51
CA ASP B 110 -23.40 -10.44 53.19
C ASP B 110 -23.88 -9.48 52.10
N ASN B 111 -25.17 -9.11 52.11
CA ASN B 111 -25.68 -8.20 51.10
C ASN B 111 -25.09 -6.79 51.27
N VAL B 112 -24.80 -6.39 52.52
CA VAL B 112 -24.18 -5.08 52.74
C VAL B 112 -22.78 -5.06 52.11
N SER B 113 -22.03 -6.16 52.24
CA SER B 113 -20.71 -6.22 51.61
C SER B 113 -20.81 -6.16 50.09
N THR B 114 -21.83 -6.80 49.52
CA THR B 114 -22.07 -6.69 48.08
C THR B 114 -22.38 -5.24 47.69
N ILE B 115 -23.18 -4.55 48.50
CA ILE B 115 -23.50 -3.16 48.22
C ILE B 115 -22.26 -2.28 48.29
N LEU B 116 -21.42 -2.51 49.30
CA LEU B 116 -20.20 -1.71 49.46
C LEU B 116 -19.24 -1.93 48.30
N ALA B 117 -19.06 -3.19 47.87
CA ALA B 117 -18.21 -3.44 46.71
C ALA B 117 -18.83 -2.87 45.44
N GLY B 118 -20.15 -2.99 45.31
CA GLY B 118 -20.83 -2.46 44.13
C GLY B 118 -20.74 -0.95 44.01
N GLY B 119 -20.56 -0.25 45.14
CA GLY B 119 -20.33 1.18 45.08
C GLY B 119 -19.12 1.56 44.26
N SER B 120 -18.11 0.69 44.21
CA SER B 120 -16.93 0.90 43.38
C SER B 120 -17.04 0.20 42.02
N GLY B 121 -18.18 -0.43 41.73
CA GLY B 121 -18.33 -1.18 40.50
C GLY B 121 -17.86 -2.63 40.58
N THR B 122 -17.63 -3.15 41.77
CA THR B 122 -17.12 -4.51 41.94
C THR B 122 -18.29 -5.48 42.09
N GLY B 123 -18.34 -6.48 41.23
CA GLY B 123 -19.43 -7.44 41.25
C GLY B 123 -19.33 -8.40 42.41
N SER B 124 -20.33 -9.29 42.50
CA SER B 124 -20.43 -10.26 43.57
C SER B 124 -20.61 -11.69 43.09
N VAL B 125 -20.92 -11.90 41.81
CA VAL B 125 -21.14 -13.22 41.25
C VAL B 125 -20.29 -13.36 40.00
N THR B 126 -19.50 -14.43 39.94
CA THR B 126 -18.64 -14.67 38.78
C THR B 126 -19.48 -15.01 37.56
N LEU B 127 -18.95 -14.68 36.39
CA LEU B 127 -19.58 -15.07 35.13
C LEU B 127 -19.50 -16.59 34.96
N ALA B 128 -20.65 -17.20 34.66
CA ALA B 128 -20.70 -18.65 34.52
C ALA B 128 -19.92 -19.13 33.30
N GLY B 129 -20.18 -18.55 32.14
CA GLY B 129 -19.49 -18.94 30.93
C GLY B 129 -19.84 -20.31 30.40
N ASN B 130 -20.99 -20.86 30.76
CA ASN B 130 -21.38 -22.20 30.32
C ASN B 130 -22.40 -22.19 29.20
N SER B 131 -22.87 -21.03 28.77
CA SER B 131 -23.84 -20.96 27.68
C SER B 131 -23.12 -20.99 26.33
N SER B 132 -23.88 -21.37 25.31
CA SER B 132 -23.36 -21.43 23.94
C SER B 132 -23.59 -20.10 23.23
N LEU B 133 -22.90 -19.95 22.10
CA LEU B 133 -23.06 -18.74 21.29
C LEU B 133 -24.51 -18.63 20.79
N CYS B 134 -25.03 -17.41 20.84
CA CYS B 134 -26.39 -17.17 20.37
C CYS B 134 -26.49 -17.46 18.88
N PRO B 135 -27.62 -17.98 18.41
CA PRO B 135 -27.84 -18.05 16.97
C PRO B 135 -28.05 -16.65 16.40
N ILE B 136 -27.32 -16.35 15.32
CA ILE B 136 -27.36 -15.03 14.71
C ILE B 136 -27.53 -15.18 13.21
N SER B 137 -27.94 -14.09 12.57
CA SER B 137 -28.04 -14.00 11.13
C SER B 137 -27.15 -12.91 10.54
N GLY B 138 -26.73 -11.94 11.34
CA GLY B 138 -25.91 -10.86 10.82
C GLY B 138 -25.34 -10.05 11.96
N TRP B 139 -24.75 -8.92 11.60
CA TRP B 139 -24.01 -8.09 12.55
C TRP B 139 -24.59 -6.69 12.52
N ALA B 140 -25.01 -6.21 13.70
CA ALA B 140 -25.53 -4.86 13.86
C ALA B 140 -24.44 -3.97 14.44
N ILE B 141 -24.27 -2.79 13.85
CA ILE B 141 -23.17 -1.92 14.26
C ILE B 141 -23.40 -1.45 15.70
N TYR B 142 -22.35 -1.53 16.50
CA TYR B 142 -22.40 -1.19 17.92
C TYR B 142 -21.73 0.12 18.24
N SER B 143 -20.59 0.40 17.63
CA SER B 143 -19.87 1.61 18.01
C SER B 143 -18.96 2.08 16.89
N LYS B 144 -18.67 3.38 16.92
CA LYS B 144 -17.67 4.02 16.07
C LYS B 144 -17.19 5.26 16.81
N ASP B 145 -15.88 5.37 17.04
CA ASP B 145 -15.36 6.47 17.86
C ASP B 145 -14.89 7.68 17.07
N ASN B 146 -14.65 7.54 15.76
CA ASN B 146 -14.17 8.64 14.93
C ASN B 146 -12.90 9.26 15.52
N GLY B 147 -12.05 8.40 16.08
CA GLY B 147 -10.94 8.88 16.90
C GLY B 147 -10.02 9.85 16.17
N ILE B 148 -9.64 9.51 14.94
CA ILE B 148 -8.62 10.29 14.25
C ILE B 148 -9.19 11.61 13.74
N ARG B 149 -10.42 11.58 13.21
CA ARG B 149 -11.11 12.81 12.82
C ARG B 149 -11.16 13.80 13.98
N ILE B 150 -11.58 13.32 15.15
CA ILE B 150 -11.65 14.18 16.33
C ILE B 150 -10.26 14.61 16.76
N GLY B 151 -9.27 13.72 16.63
CA GLY B 151 -7.90 14.01 17.01
C GLY B 151 -7.21 15.03 16.13
N SER B 152 -7.79 15.34 14.97
CA SER B 152 -7.26 16.43 14.15
C SER B 152 -7.24 17.75 14.92
N LYS B 153 -8.14 17.94 15.88
CA LYS B 153 -8.13 19.14 16.72
C LYS B 153 -8.15 18.82 18.20
N GLY B 154 -8.97 17.86 18.63
CA GLY B 154 -9.00 17.46 20.01
C GLY B 154 -7.69 16.82 20.44
N ASP B 155 -7.54 16.69 21.76
CA ASP B 155 -6.36 16.04 22.33
C ASP B 155 -6.67 14.55 22.42
N VAL B 156 -6.27 13.81 21.39
CA VAL B 156 -6.59 12.39 21.27
C VAL B 156 -5.29 11.61 21.17
N PHE B 157 -5.23 10.49 21.90
CA PHE B 157 -4.05 9.64 21.86
C PHE B 157 -3.82 9.05 20.48
N VAL B 158 -2.54 8.97 20.09
CA VAL B 158 -2.13 8.09 19.00
C VAL B 158 -2.13 6.67 19.56
N ILE B 159 -2.93 5.78 18.97
CA ILE B 159 -3.19 4.48 19.55
C ILE B 159 -2.97 3.39 18.50
N ARG B 160 -2.96 2.15 18.99
CA ARG B 160 -3.07 0.96 18.17
C ARG B 160 -3.82 -0.09 18.98
N GLU B 161 -4.33 -1.09 18.27
CA GLU B 161 -4.97 -2.26 18.87
C GLU B 161 -6.08 -1.88 19.86
N PRO B 162 -7.14 -1.22 19.39
CA PRO B 162 -8.24 -0.79 20.28
C PRO B 162 -9.27 -1.88 20.55
N PHE B 163 -8.91 -2.87 21.36
CA PHE B 163 -9.83 -3.97 21.57
C PHE B 163 -10.86 -3.63 22.65
N ILE B 164 -11.99 -4.33 22.60
CA ILE B 164 -13.12 -4.08 23.48
C ILE B 164 -13.28 -5.25 24.44
N SER B 165 -13.55 -4.95 25.70
CA SER B 165 -13.91 -5.97 26.68
C SER B 165 -15.02 -5.43 27.56
N CYS B 166 -15.89 -6.32 28.02
CA CYS B 166 -17.10 -5.94 28.73
C CYS B 166 -17.14 -6.57 30.12
N SER B 167 -17.65 -5.81 31.08
CA SER B 167 -17.97 -6.38 32.39
C SER B 167 -19.45 -6.72 32.44
N HIS B 168 -20.03 -6.71 33.63
CA HIS B 168 -21.46 -6.85 33.79
C HIS B 168 -22.19 -5.52 33.78
N LEU B 169 -21.46 -4.41 33.78
CA LEU B 169 -22.01 -3.07 33.84
C LEU B 169 -21.69 -2.20 32.64
N GLU B 170 -20.55 -2.42 31.97
CA GLU B 170 -20.12 -1.55 30.90
C GLU B 170 -19.26 -2.34 29.92
N CYS B 171 -19.04 -1.73 28.75
CA CYS B 171 -18.07 -2.21 27.77
C CYS B 171 -17.06 -1.10 27.53
N ARG B 172 -15.77 -1.46 27.54
CA ARG B 172 -14.70 -0.48 27.41
C ARG B 172 -13.81 -0.83 26.23
N THR B 173 -13.26 0.21 25.61
CA THR B 173 -12.23 0.07 24.59
C THR B 173 -10.88 0.18 25.27
N PHE B 174 -10.14 -0.92 25.31
CA PHE B 174 -8.75 -0.92 25.73
C PHE B 174 -7.87 -0.64 24.52
N PHE B 175 -6.72 -0.01 24.76
CA PHE B 175 -5.85 0.34 23.66
C PHE B 175 -4.44 0.56 24.19
N LEU B 176 -3.48 0.50 23.27
CA LEU B 176 -2.08 0.78 23.54
C LEU B 176 -1.74 2.12 22.93
N THR B 177 -1.13 3.00 23.72
CA THR B 177 -0.70 4.30 23.23
C THR B 177 0.79 4.48 23.47
N GLN B 178 1.42 5.27 22.60
CA GLN B 178 2.83 5.61 22.75
C GLN B 178 3.03 6.82 23.65
N GLY B 179 2.01 7.20 24.43
CA GLY B 179 2.11 8.40 25.25
C GLY B 179 2.24 9.67 24.46
N ALA B 180 1.64 9.72 23.27
CA ALA B 180 1.67 10.89 22.42
C ALA B 180 0.27 11.18 21.91
N LEU B 181 0.07 12.40 21.42
CA LEU B 181 -1.21 12.85 20.91
C LEU B 181 -1.13 13.11 19.40
N LEU B 182 -2.27 12.95 18.74
CA LEU B 182 -2.34 13.24 17.30
C LEU B 182 -2.02 14.70 17.04
N ASN B 183 -1.35 14.96 15.92
CA ASN B 183 -0.94 16.31 15.52
C ASN B 183 0.04 16.93 16.50
N ASP B 184 0.83 16.10 17.17
CA ASP B 184 1.94 16.54 18.01
C ASP B 184 3.21 15.86 17.52
N LYS B 185 4.33 16.58 17.67
CA LYS B 185 5.60 16.08 17.16
C LYS B 185 5.99 14.75 17.78
N HIS B 186 5.54 14.47 19.00
CA HIS B 186 5.86 13.21 19.65
C HIS B 186 5.19 12.01 19.00
N SER B 187 4.22 12.23 18.11
CA SER B 187 3.65 11.12 17.35
C SER B 187 4.60 10.60 16.28
N ASN B 188 5.77 11.22 16.14
CA ASN B 188 6.77 10.77 15.16
C ASN B 188 7.27 9.36 15.46
N GLY B 189 7.27 8.51 14.44
CA GLY B 189 7.75 7.15 14.56
C GLY B 189 6.90 6.21 15.38
N THR B 190 5.60 6.50 15.51
CA THR B 190 4.69 5.59 16.21
C THR B 190 4.26 4.41 15.34
N VAL B 191 4.92 4.20 14.19
CA VAL B 191 4.81 2.94 13.47
C VAL B 191 5.59 1.86 14.19
N LYS B 192 6.56 2.25 15.01
CA LYS B 192 7.29 1.33 15.85
C LYS B 192 6.37 0.82 16.96
N ASP B 193 6.73 -0.32 17.52
CA ASP B 193 5.81 -1.08 18.34
C ASP B 193 6.19 -1.15 19.81
N ARG B 194 7.43 -1.52 20.11
CA ARG B 194 7.87 -1.76 21.48
C ARG B 194 8.73 -0.60 21.99
N SER B 195 8.19 0.18 22.91
CA SER B 195 8.89 1.30 23.52
C SER B 195 8.60 1.27 25.01
N PRO B 196 9.48 1.87 25.82
CA PRO B 196 9.16 2.03 27.25
C PRO B 196 8.05 3.03 27.51
N TYR B 197 7.63 3.81 26.50
CA TYR B 197 6.59 4.81 26.66
C TYR B 197 5.19 4.26 26.45
N ARG B 198 5.07 3.04 25.93
CA ARG B 198 3.77 2.50 25.56
C ARG B 198 3.00 2.04 26.79
N THR B 199 1.70 2.37 26.82
CA THR B 199 0.87 2.06 27.97
C THR B 199 -0.47 1.51 27.48
N LEU B 200 -1.00 0.56 28.25
CA LEU B 200 -2.35 0.06 28.09
C LEU B 200 -3.29 0.95 28.90
N MET B 201 -4.28 1.52 28.22
CA MET B 201 -5.26 2.43 28.81
C MET B 201 -6.63 2.03 28.29
N SER B 202 -7.69 2.60 28.87
CA SER B 202 -9.04 2.23 28.45
C SER B 202 -9.97 3.42 28.58
N CYS B 203 -10.95 3.48 27.67
CA CYS B 203 -11.98 4.52 27.72
C CYS B 203 -13.35 3.90 27.42
N PRO B 204 -14.45 4.60 27.65
CA PRO B 204 -15.76 4.04 27.32
C PRO B 204 -15.87 3.79 25.82
N VAL B 205 -16.56 2.70 25.47
CA VAL B 205 -16.74 2.34 24.07
C VAL B 205 -17.44 3.47 23.33
N GLY B 206 -16.92 3.79 22.14
CA GLY B 206 -17.48 4.82 21.30
C GLY B 206 -16.89 6.20 21.48
N GLU B 207 -16.17 6.43 22.56
CA GLU B 207 -15.57 7.74 22.83
C GLU B 207 -14.14 7.77 22.28
N ALA B 208 -13.72 8.95 21.83
CA ALA B 208 -12.36 9.13 21.36
C ALA B 208 -11.38 8.92 22.50
N PRO B 209 -10.27 8.23 22.26
CA PRO B 209 -9.31 7.97 23.36
C PRO B 209 -8.50 9.21 23.71
N SER B 210 -8.85 9.84 24.82
CA SER B 210 -8.24 11.09 25.19
C SER B 210 -7.59 10.98 26.57
N PRO B 211 -6.53 11.74 26.84
CA PRO B 211 -6.01 11.79 28.21
C PRO B 211 -7.04 12.29 29.22
N TYR B 212 -8.12 12.92 28.77
CA TYR B 212 -9.15 13.46 29.66
C TYR B 212 -10.27 12.48 29.93
N ASN B 213 -10.33 11.34 29.23
CA ASN B 213 -11.39 10.37 29.46
C ASN B 213 -10.88 8.93 29.55
N SER B 214 -9.56 8.73 29.51
CA SER B 214 -8.99 7.39 29.48
C SER B 214 -8.38 7.05 30.83
N ARG B 215 -8.73 5.87 31.35
CA ARG B 215 -8.12 5.35 32.56
C ARG B 215 -6.81 4.64 32.24
N PHE B 216 -5.83 4.80 33.10
CA PHE B 216 -4.58 4.07 32.97
C PHE B 216 -4.76 2.65 33.45
N GLU B 217 -4.22 1.70 32.69
CA GLU B 217 -4.30 0.28 33.06
C GLU B 217 -2.94 -0.28 33.44
N SER B 218 -1.94 -0.17 32.56
CA SER B 218 -0.63 -0.76 32.85
C SER B 218 0.39 -0.21 31.86
N VAL B 219 1.67 -0.42 32.17
CA VAL B 219 2.74 -0.14 31.21
C VAL B 219 2.88 -1.37 30.33
N ALA B 220 2.74 -1.20 29.01
CA ALA B 220 2.63 -2.36 28.14
C ALA B 220 2.82 -1.96 26.68
N TRP B 221 3.59 -2.79 25.96
CA TRP B 221 3.54 -2.78 24.49
C TRP B 221 2.87 -4.03 23.93
N SER B 222 2.41 -4.94 24.78
CA SER B 222 1.49 -6.00 24.40
C SER B 222 0.57 -6.24 25.58
N ALA B 223 -0.71 -6.51 25.33
CA ALA B 223 -1.65 -6.49 26.45
C ALA B 223 -2.81 -7.43 26.22
N SER B 224 -3.56 -7.65 27.31
CA SER B 224 -4.80 -8.39 27.32
C SER B 224 -5.61 -7.92 28.53
N ALA B 225 -6.93 -8.08 28.45
CA ALA B 225 -7.78 -7.66 29.57
C ALA B 225 -9.13 -8.34 29.46
N CYS B 226 -9.71 -8.66 30.61
CA CYS B 226 -11.05 -9.23 30.65
C CYS B 226 -11.65 -8.98 32.03
N HIS B 227 -12.89 -9.42 32.21
CA HIS B 227 -13.62 -9.23 33.45
C HIS B 227 -14.31 -10.53 33.81
N ASP B 228 -14.10 -10.99 35.05
CA ASP B 228 -14.61 -12.28 35.48
C ASP B 228 -15.97 -12.17 36.17
N GLY B 229 -16.59 -10.99 36.13
CA GLY B 229 -17.82 -10.73 36.84
C GLY B 229 -17.62 -10.04 38.18
N ILE B 230 -16.42 -10.13 38.73
CA ILE B 230 -16.11 -9.52 40.01
C ILE B 230 -15.28 -8.26 39.78
N SER B 231 -14.12 -8.42 39.15
CA SER B 231 -13.18 -7.33 38.95
C SER B 231 -12.50 -7.48 37.59
N TRP B 232 -11.77 -6.44 37.18
CA TRP B 232 -11.02 -6.45 35.93
C TRP B 232 -9.67 -7.13 36.11
N LEU B 233 -9.32 -7.99 35.15
CA LEU B 233 -8.00 -8.57 35.01
C LEU B 233 -7.29 -7.91 33.84
N THR B 234 -6.10 -7.37 34.08
CA THR B 234 -5.29 -6.80 33.00
C THR B 234 -3.91 -7.44 33.00
N ILE B 235 -3.39 -7.68 31.80
CA ILE B 235 -2.07 -8.23 31.59
C ILE B 235 -1.32 -7.28 30.67
N GLY B 236 -0.22 -6.72 31.16
CA GLY B 236 0.57 -5.80 30.36
C GLY B 236 2.03 -6.19 30.30
N ILE B 237 2.58 -6.37 29.10
CA ILE B 237 3.94 -6.85 28.92
C ILE B 237 4.83 -5.66 28.59
N SER B 238 5.87 -5.45 29.39
CA SER B 238 6.85 -4.42 29.11
C SER B 238 8.24 -4.98 29.43
N GLY B 239 9.26 -4.26 29.02
CA GLY B 239 10.63 -4.69 29.24
C GLY B 239 11.41 -4.89 27.97
N PRO B 240 12.64 -5.35 28.08
CA PRO B 240 13.46 -5.60 26.89
C PRO B 240 12.96 -6.80 26.11
N ASP B 241 13.37 -6.86 24.84
CA ASP B 241 12.96 -7.97 23.97
C ASP B 241 13.46 -9.31 24.50
N ASN B 242 14.63 -9.32 25.14
CA ASN B 242 15.24 -10.56 25.60
C ASN B 242 14.83 -10.95 27.01
N GLY B 243 13.89 -10.24 27.62
CA GLY B 243 13.45 -10.56 28.97
C GLY B 243 12.20 -9.82 29.39
N ALA B 244 11.23 -9.70 28.48
CA ALA B 244 10.00 -9.00 28.78
C ALA B 244 9.26 -9.66 29.93
N VAL B 245 8.49 -8.85 30.65
CA VAL B 245 7.71 -9.30 31.81
C VAL B 245 6.27 -8.83 31.64
N ALA B 246 5.34 -9.76 31.78
CA ALA B 246 3.92 -9.44 31.83
C ALA B 246 3.52 -9.22 33.28
N VAL B 247 3.04 -8.02 33.58
CA VAL B 247 2.49 -7.69 34.89
C VAL B 247 0.99 -7.97 34.86
N VAL B 248 0.52 -8.75 35.83
CA VAL B 248 -0.86 -9.19 35.92
C VAL B 248 -1.49 -8.49 37.11
N LYS B 249 -2.48 -7.65 36.82
CA LYS B 249 -3.22 -6.90 37.83
C LYS B 249 -4.65 -7.42 37.90
N TYR B 250 -5.18 -7.47 39.12
CA TYR B 250 -6.58 -7.80 39.38
C TYR B 250 -7.17 -6.67 40.21
N ASN B 251 -8.18 -6.01 39.68
CA ASN B 251 -8.78 -4.84 40.33
C ASN B 251 -7.72 -3.75 40.55
N GLY B 252 -6.83 -3.60 39.58
CA GLY B 252 -5.82 -2.56 39.61
C GLY B 252 -4.61 -2.84 40.48
N ILE B 253 -4.57 -3.97 41.19
CA ILE B 253 -3.48 -4.31 42.08
C ILE B 253 -2.66 -5.42 41.44
N ILE B 254 -1.33 -5.23 41.39
CA ILE B 254 -0.45 -6.25 40.81
C ILE B 254 -0.59 -7.54 41.59
N THR B 255 -1.00 -8.60 40.90
CA THR B 255 -1.19 -9.90 41.52
C THR B 255 -0.21 -10.95 41.05
N ASP B 256 0.42 -10.76 39.89
CA ASP B 256 1.37 -11.76 39.41
C ASP B 256 2.28 -11.15 38.36
N THR B 257 3.33 -11.89 38.01
CA THR B 257 4.19 -11.56 36.89
C THR B 257 4.51 -12.84 36.14
N ILE B 258 4.79 -12.69 34.84
CA ILE B 258 5.13 -13.79 33.96
C ILE B 258 6.31 -13.32 33.13
N LYS B 259 7.49 -13.91 33.35
CA LYS B 259 8.66 -13.47 32.62
C LYS B 259 8.85 -14.32 31.37
N SER B 260 9.42 -13.69 30.34
CA SER B 260 9.73 -14.37 29.09
C SER B 260 10.53 -15.64 29.36
N TRP B 261 10.05 -16.75 28.82
CA TRP B 261 10.71 -18.04 28.98
C TRP B 261 11.54 -18.43 27.77
N ARG B 262 11.47 -17.66 26.68
CA ARG B 262 12.27 -17.91 25.50
C ARG B 262 13.20 -16.76 25.14
N ASN B 263 13.11 -15.62 25.85
CA ASN B 263 13.99 -14.48 25.65
C ASN B 263 13.85 -13.88 24.25
N ASN B 264 12.67 -14.02 23.63
CA ASN B 264 12.45 -13.51 22.27
C ASN B 264 11.04 -12.92 22.19
N ILE B 265 10.88 -11.73 22.77
CA ILE B 265 9.66 -10.92 22.67
C ILE B 265 8.44 -11.69 23.16
N LEU B 266 8.30 -11.83 24.46
CA LEU B 266 7.06 -12.33 25.04
C LEU B 266 5.91 -11.41 24.62
N ARG B 267 4.82 -12.01 24.14
CA ARG B 267 3.73 -11.24 23.56
C ARG B 267 2.43 -12.00 23.68
N THR B 268 1.31 -11.26 23.73
CA THR B 268 0.02 -11.89 23.98
C THR B 268 -1.08 -11.41 23.01
N GLN B 269 -2.34 -11.44 23.47
CA GLN B 269 -3.48 -11.47 22.56
C GLN B 269 -3.68 -10.17 21.78
N GLU B 270 -3.57 -9.02 22.47
CA GLU B 270 -4.06 -7.73 21.97
C GLU B 270 -5.57 -7.73 21.78
N SER B 271 -6.27 -8.56 22.57
CA SER B 271 -7.73 -8.56 22.66
C SER B 271 -8.10 -9.17 24.00
N GLU B 272 -9.40 -9.29 24.23
CA GLU B 272 -9.86 -9.71 25.55
C GLU B 272 -9.57 -11.18 25.80
N CYS B 273 -9.19 -11.50 27.05
CA CYS B 273 -9.10 -12.88 27.51
C CYS B 273 -10.50 -13.40 27.80
N ALA B 274 -10.60 -14.69 28.12
CA ALA B 274 -11.92 -15.32 28.28
C ALA B 274 -12.08 -15.86 29.69
N CYS B 275 -13.21 -15.57 30.33
CA CYS B 275 -13.42 -15.95 31.71
C CYS B 275 -14.61 -16.91 31.82
N VAL B 276 -14.41 -17.99 32.56
CA VAL B 276 -15.41 -19.03 32.81
C VAL B 276 -15.33 -19.42 34.28
N ASN B 277 -16.45 -19.33 34.99
CA ASN B 277 -16.59 -19.85 36.35
C ASN B 277 -15.56 -19.28 37.31
N GLY B 278 -15.11 -18.05 37.08
CA GLY B 278 -14.14 -17.42 37.96
C GLY B 278 -12.69 -17.62 37.58
N SER B 279 -12.41 -18.31 36.48
CA SER B 279 -11.06 -18.48 35.99
C SER B 279 -10.97 -17.85 34.61
N CYS B 280 -9.93 -17.06 34.37
CA CYS B 280 -9.73 -16.42 33.08
C CYS B 280 -8.54 -17.04 32.37
N PHE B 281 -8.59 -17.00 31.05
CA PHE B 281 -7.70 -17.77 30.20
C PHE B 281 -7.16 -16.88 29.11
N THR B 282 -5.86 -17.04 28.85
CA THR B 282 -5.17 -16.26 27.82
C THR B 282 -4.10 -17.12 27.15
N VAL B 283 -3.56 -16.61 26.05
CA VAL B 283 -2.53 -17.28 25.27
C VAL B 283 -1.37 -16.33 25.06
N MET B 284 -0.15 -16.84 25.23
CA MET B 284 1.06 -16.06 25.08
C MET B 284 2.06 -16.78 24.21
N THR B 285 2.87 -16.00 23.50
CA THR B 285 3.84 -16.54 22.55
C THR B 285 5.21 -15.96 22.84
N ASP B 286 6.24 -16.81 22.78
CA ASP B 286 7.62 -16.39 22.97
C ASP B 286 8.46 -17.07 21.91
N GLY B 287 9.22 -16.29 21.16
CA GLY B 287 10.03 -16.84 20.09
C GLY B 287 9.91 -16.08 18.79
N PRO B 288 10.41 -16.68 17.72
CA PRO B 288 10.42 -15.98 16.42
C PRO B 288 9.02 -15.70 15.90
N SER B 289 8.93 -14.66 15.06
CA SER B 289 7.72 -14.39 14.32
C SER B 289 7.78 -14.91 12.88
N ASN B 290 8.93 -15.42 12.45
CA ASN B 290 9.12 -15.98 11.12
C ASN B 290 9.57 -17.44 11.19
N GLY B 291 9.17 -18.15 12.24
CA GLY B 291 9.56 -19.53 12.39
C GLY B 291 8.88 -20.14 13.61
N GLN B 292 9.28 -21.36 13.93
CA GLN B 292 8.70 -22.06 15.08
C GLN B 292 8.94 -21.26 16.36
N ALA B 293 7.90 -21.14 17.17
CA ALA B 293 7.95 -20.41 18.43
C ALA B 293 7.31 -21.29 19.51
N SER B 294 7.21 -20.74 20.72
CA SER B 294 6.61 -21.43 21.85
C SER B 294 5.31 -20.74 22.23
N TYR B 295 4.27 -21.53 22.48
CA TYR B 295 2.94 -21.00 22.75
C TYR B 295 2.42 -21.64 24.04
N LYS B 296 1.97 -20.80 24.97
CA LYS B 296 1.48 -21.27 26.25
C LYS B 296 0.09 -20.73 26.49
N ILE B 297 -0.76 -21.53 27.14
CA ILE B 297 -2.06 -21.09 27.58
C ILE B 297 -2.06 -21.02 29.10
N PHE B 298 -2.68 -19.98 29.63
CA PHE B 298 -2.65 -19.63 31.05
C PHE B 298 -4.06 -19.59 31.62
N LYS B 299 -4.21 -20.21 32.80
CA LYS B 299 -5.40 -20.14 33.64
C LYS B 299 -5.06 -19.32 34.88
N ILE B 300 -5.82 -18.25 35.09
CA ILE B 300 -5.54 -17.19 36.05
C ILE B 300 -6.79 -16.97 36.90
N GLU B 301 -6.63 -17.02 38.21
CA GLU B 301 -7.75 -16.83 39.13
C GLU B 301 -7.41 -15.70 40.10
N LYS B 302 -8.26 -14.68 40.13
CA LYS B 302 -8.04 -13.49 40.96
C LYS B 302 -6.68 -12.86 40.66
N GLY B 303 -6.27 -12.92 39.40
CA GLY B 303 -4.99 -12.37 38.98
C GLY B 303 -3.79 -13.25 39.26
N LYS B 304 -3.98 -14.43 39.82
CA LYS B 304 -2.90 -15.36 40.14
C LYS B 304 -2.89 -16.47 39.11
N VAL B 305 -1.75 -16.67 38.45
CA VAL B 305 -1.61 -17.77 37.51
C VAL B 305 -1.69 -19.07 38.30
N VAL B 306 -2.77 -19.83 38.09
CA VAL B 306 -2.93 -21.11 38.78
C VAL B 306 -2.55 -22.28 37.88
N LYS B 307 -2.52 -22.10 36.57
CA LYS B 307 -2.02 -23.19 35.74
C LYS B 307 -1.54 -22.63 34.41
N SER B 308 -0.58 -23.32 33.81
CA SER B 308 -0.13 -23.00 32.46
C SER B 308 0.31 -24.29 31.78
N VAL B 309 0.02 -24.40 30.49
CA VAL B 309 0.55 -25.51 29.70
C VAL B 309 1.08 -24.97 28.39
N GLU B 310 2.18 -25.56 27.93
CA GLU B 310 2.77 -25.21 26.64
C GLU B 310 2.21 -26.13 25.57
N LEU B 311 1.75 -25.55 24.47
CA LEU B 311 1.19 -26.35 23.39
C LEU B 311 2.29 -27.12 22.67
N ASN B 312 2.05 -28.42 22.46
CA ASN B 312 2.92 -29.22 21.60
C ASN B 312 2.38 -29.07 20.18
N ALA B 313 2.84 -28.03 19.49
CA ALA B 313 2.32 -27.65 18.19
C ALA B 313 3.46 -27.46 17.20
N PRO B 314 4.13 -28.55 16.81
CA PRO B 314 5.16 -28.44 15.78
C PRO B 314 4.52 -28.09 14.44
N ASN B 315 5.16 -27.17 13.72
CA ASN B 315 4.73 -26.64 12.42
C ASN B 315 3.52 -25.70 12.53
N TYR B 316 3.01 -25.45 13.73
CA TYR B 316 1.98 -24.44 13.95
C TYR B 316 2.62 -23.11 14.32
N HIS B 317 1.83 -22.04 14.21
CA HIS B 317 2.29 -20.73 14.64
C HIS B 317 1.10 -19.93 15.17
N TYR B 318 1.19 -19.49 16.42
CA TYR B 318 0.13 -18.76 17.09
C TYR B 318 0.62 -17.37 17.50
N GLU B 319 -0.12 -16.34 17.09
CA GLU B 319 0.15 -14.98 17.52
C GLU B 319 -1.16 -14.21 17.57
N GLU B 320 -1.26 -13.31 18.56
CA GLU B 320 -2.37 -12.35 18.64
C GLU B 320 -3.73 -13.03 18.63
N CYS B 321 -3.92 -13.94 19.59
CA CYS B 321 -5.10 -14.78 19.60
C CYS B 321 -6.35 -14.02 20.00
N SER B 322 -7.46 -14.28 19.29
CA SER B 322 -8.78 -13.83 19.67
C SER B 322 -9.52 -15.00 20.31
N CYS B 323 -9.75 -14.93 21.63
CA CYS B 323 -10.34 -16.01 22.38
C CYS B 323 -11.72 -15.62 22.89
N TYR B 324 -12.62 -16.60 22.93
CA TYR B 324 -13.96 -16.40 23.46
C TYR B 324 -14.41 -17.66 24.19
N PRO B 325 -15.26 -17.52 25.20
CA PRO B 325 -15.84 -18.68 25.88
C PRO B 325 -17.07 -19.20 25.17
N ASP B 326 -17.27 -20.51 25.27
CA ASP B 326 -18.39 -21.19 24.64
C ASP B 326 -18.62 -22.51 25.35
N ALA B 327 -19.79 -22.64 25.99
CA ALA B 327 -20.22 -23.88 26.63
C ALA B 327 -19.20 -24.39 27.65
N GLY B 328 -18.61 -23.46 28.39
CA GLY B 328 -17.64 -23.80 29.41
C GLY B 328 -16.23 -24.08 28.92
N ASP B 329 -15.98 -23.99 27.63
CA ASP B 329 -14.63 -24.12 27.09
C ASP B 329 -14.20 -22.81 26.45
N ILE B 330 -12.96 -22.76 25.97
CA ILE B 330 -12.39 -21.57 25.36
C ILE B 330 -11.97 -21.92 23.93
N MET B 331 -12.28 -21.02 22.99
CA MET B 331 -11.82 -21.14 21.62
C MET B 331 -11.01 -19.91 21.24
N CYS B 332 -9.83 -20.12 20.67
CA CYS B 332 -8.94 -19.04 20.25
C CYS B 332 -8.64 -19.21 18.77
N VAL B 333 -8.89 -18.15 18.00
CA VAL B 333 -8.53 -18.07 16.59
C VAL B 333 -7.44 -17.03 16.48
N CYS B 334 -6.30 -17.41 15.91
CA CYS B 334 -5.08 -16.63 16.05
C CYS B 334 -4.52 -16.29 14.68
N ARG B 335 -3.23 -15.93 14.66
CA ARG B 335 -2.55 -15.44 13.48
C ARG B 335 -1.28 -16.26 13.29
N ASP B 336 -1.15 -16.91 12.14
CA ASP B 336 0.08 -17.61 11.77
C ASP B 336 0.91 -16.63 10.95
N ASN B 337 1.88 -16.01 11.59
CA ASN B 337 2.76 -15.07 10.92
C ASN B 337 3.91 -15.76 10.20
N TRP B 338 4.03 -17.07 10.34
CA TRP B 338 5.15 -17.85 9.82
C TRP B 338 4.88 -18.35 8.41
N HIS B 339 3.86 -19.19 8.23
CA HIS B 339 3.63 -19.80 6.93
C HIS B 339 2.19 -20.27 6.77
N GLY B 340 1.24 -19.47 7.22
CA GLY B 340 -0.16 -19.83 7.10
C GLY B 340 -1.07 -18.68 6.71
N SER B 341 -1.77 -18.81 5.59
CA SER B 341 -2.77 -17.83 5.19
C SER B 341 -4.17 -18.16 5.69
N ASN B 342 -4.37 -19.36 6.23
CA ASN B 342 -5.56 -19.69 7.00
C ASN B 342 -5.24 -19.51 8.48
N ARG B 343 -6.29 -19.47 9.30
CA ARG B 343 -5.95 -19.10 10.66
C ARG B 343 -5.81 -20.34 11.55
N PRO B 344 -4.79 -20.38 12.40
CA PRO B 344 -4.70 -21.43 13.41
C PRO B 344 -5.68 -21.20 14.53
N TRP B 345 -6.04 -22.27 15.22
CA TRP B 345 -6.95 -22.19 16.34
C TRP B 345 -6.54 -23.20 17.41
N VAL B 346 -6.88 -22.87 18.64
CA VAL B 346 -6.66 -23.74 19.79
C VAL B 346 -7.86 -23.63 20.71
N SER B 347 -8.42 -24.77 21.11
CA SER B 347 -9.51 -24.80 22.06
C SER B 347 -9.08 -25.58 23.28
N PHE B 348 -9.66 -25.26 24.43
CA PHE B 348 -9.28 -25.98 25.64
C PHE B 348 -10.37 -25.84 26.69
N ASN B 349 -10.36 -26.79 27.62
CA ASN B 349 -11.29 -26.75 28.74
C ASN B 349 -10.64 -26.04 29.93
N GLN B 350 -11.33 -26.03 31.07
CA GLN B 350 -10.87 -25.29 32.23
C GLN B 350 -9.66 -25.93 32.90
N ASN B 351 -9.28 -27.15 32.50
CA ASN B 351 -8.06 -27.78 32.98
C ASN B 351 -6.92 -27.64 31.97
N LEU B 352 -7.11 -26.80 30.94
CA LEU B 352 -6.09 -26.53 29.92
C LEU B 352 -5.74 -27.78 29.11
N GLU B 353 -6.68 -28.73 29.02
CA GLU B 353 -6.56 -29.84 28.08
C GLU B 353 -7.08 -29.36 26.72
N TYR B 354 -6.23 -29.42 25.71
CA TYR B 354 -6.45 -28.63 24.50
C TYR B 354 -6.55 -29.50 23.25
N GLN B 355 -7.06 -28.86 22.19
CA GLN B 355 -7.01 -29.36 20.83
C GLN B 355 -6.56 -28.20 19.95
N ILE B 356 -5.91 -28.53 18.83
CA ILE B 356 -5.37 -27.51 17.94
C ILE B 356 -5.75 -27.84 16.51
N GLY B 357 -5.67 -26.84 15.65
CA GLY B 357 -5.89 -27.09 14.24
C GLY B 357 -5.81 -25.81 13.44
N TYR B 358 -6.25 -25.91 12.19
CA TYR B 358 -6.38 -24.77 11.29
C TYR B 358 -7.78 -24.75 10.70
N ILE B 359 -8.29 -23.54 10.47
CA ILE B 359 -9.58 -23.39 9.81
C ILE B 359 -9.46 -23.90 8.37
N CYS B 360 -10.29 -24.90 8.03
CA CYS B 360 -10.13 -25.61 6.77
C CYS B 360 -10.70 -24.85 5.58
N SER B 361 -11.55 -23.84 5.81
CA SER B 361 -12.30 -23.22 4.74
C SER B 361 -11.38 -22.65 3.66
N GLY B 362 -11.81 -22.79 2.41
CA GLY B 362 -11.14 -22.12 1.30
C GLY B 362 -11.34 -20.63 1.28
N VAL B 363 -12.22 -20.10 2.13
CA VAL B 363 -12.32 -18.67 2.38
C VAL B 363 -11.22 -18.32 3.36
N PHE B 364 -10.03 -18.01 2.85
CA PHE B 364 -8.89 -17.77 3.71
C PHE B 364 -9.07 -16.48 4.52
N GLY B 365 -8.75 -16.56 5.81
CA GLY B 365 -9.07 -15.49 6.72
C GLY B 365 -7.96 -14.52 7.04
N ASP B 366 -6.72 -14.85 6.70
CA ASP B 366 -5.59 -14.02 7.07
C ASP B 366 -5.31 -13.00 5.96
N ASN B 367 -4.31 -12.15 6.21
CA ASN B 367 -3.89 -11.14 5.24
C ASN B 367 -2.40 -10.87 5.42
N PRO B 368 -1.57 -11.11 4.38
CA PRO B 368 -1.91 -11.51 3.01
C PRO B 368 -2.44 -12.94 2.87
N ARG B 369 -2.98 -13.25 1.70
CA ARG B 369 -3.58 -14.55 1.43
C ARG B 369 -3.75 -14.69 -0.07
N PRO B 370 -3.91 -15.91 -0.56
CA PRO B 370 -4.30 -16.09 -1.97
C PRO B 370 -5.79 -15.86 -2.12
N ASN B 371 -6.23 -15.80 -3.37
CA ASN B 371 -7.66 -15.77 -3.63
C ASN B 371 -8.30 -17.08 -3.19
N ASP B 372 -9.60 -17.03 -2.93
CA ASP B 372 -10.30 -18.19 -2.41
C ASP B 372 -10.16 -19.37 -3.36
N GLY B 373 -10.03 -20.56 -2.77
CA GLY B 373 -9.88 -21.79 -3.52
C GLY B 373 -10.02 -22.98 -2.60
N THR B 374 -9.22 -24.03 -2.83
CA THR B 374 -9.23 -25.17 -1.92
C THR B 374 -8.39 -24.84 -0.69
N GLY B 375 -9.00 -24.97 0.48
CA GLY B 375 -8.31 -24.71 1.73
C GLY B 375 -7.60 -25.95 2.24
N SER B 376 -7.02 -25.80 3.44
CA SER B 376 -6.30 -26.89 4.08
C SER B 376 -6.56 -26.83 5.57
N CYS B 377 -6.65 -28.01 6.20
CA CYS B 377 -6.72 -28.08 7.65
C CYS B 377 -5.34 -28.04 8.29
N SER B 378 -4.30 -27.93 7.48
CA SER B 378 -2.92 -27.65 7.86
C SER B 378 -2.55 -26.24 7.42
N PRO B 379 -1.39 -25.73 7.84
CA PRO B 379 -1.01 -24.38 7.41
C PRO B 379 -1.02 -24.23 5.90
N MET B 380 -1.73 -23.21 5.41
CA MET B 380 -1.77 -22.92 3.98
C MET B 380 -0.56 -22.06 3.64
N SER B 381 0.42 -22.65 2.96
CA SER B 381 1.70 -21.99 2.77
C SER B 381 1.60 -20.78 1.86
N SER B 382 0.73 -20.84 0.85
CA SER B 382 0.65 -19.77 -0.15
C SER B 382 0.31 -18.44 0.51
N ASN B 383 1.18 -17.46 0.34
CA ASN B 383 1.04 -16.14 0.96
C ASN B 383 0.93 -16.23 2.48
N GLY B 384 1.55 -17.26 3.06
CA GLY B 384 1.39 -17.51 4.49
C GLY B 384 2.29 -16.69 5.39
N ALA B 385 3.37 -16.14 4.86
CA ALA B 385 4.23 -15.28 5.67
C ALA B 385 3.50 -13.99 6.01
N TYR B 386 3.91 -13.38 7.12
CA TYR B 386 3.24 -12.20 7.68
C TYR B 386 1.80 -12.52 8.02
N GLY B 387 1.00 -11.50 8.33
CA GLY B 387 -0.37 -11.74 8.71
C GLY B 387 -1.00 -10.50 9.31
N VAL B 388 -2.14 -10.71 9.96
CA VAL B 388 -2.86 -9.67 10.65
C VAL B 388 -3.69 -10.33 11.75
N LYS B 389 -3.84 -9.63 12.88
CA LYS B 389 -4.70 -10.14 13.93
C LYS B 389 -6.14 -10.25 13.42
N GLY B 390 -6.77 -11.39 13.70
CA GLY B 390 -8.13 -11.63 13.27
C GLY B 390 -8.90 -12.53 14.22
N PHE B 391 -10.11 -12.90 13.83
CA PHE B 391 -10.97 -13.70 14.69
C PHE B 391 -11.87 -14.56 13.81
N SER B 392 -12.55 -15.51 14.45
CA SER B 392 -13.62 -16.26 13.81
C SER B 392 -14.50 -16.85 14.89
N PHE B 393 -15.76 -17.10 14.55
CA PHE B 393 -16.70 -17.72 15.48
C PHE B 393 -17.17 -19.05 14.92
N LYS B 394 -17.04 -20.12 15.71
CA LYS B 394 -17.37 -21.47 15.27
C LYS B 394 -18.77 -21.84 15.73
N TYR B 395 -19.59 -22.31 14.77
CA TYR B 395 -20.94 -22.80 15.04
C TYR B 395 -21.02 -24.20 14.43
N GLY B 396 -20.76 -25.21 15.26
CA GLY B 396 -20.74 -26.57 14.74
C GLY B 396 -19.60 -26.72 13.75
N ASN B 397 -19.92 -27.12 12.52
CA ASN B 397 -18.93 -27.22 11.47
C ASN B 397 -18.80 -25.94 10.66
N GLY B 398 -19.64 -24.93 10.93
CA GLY B 398 -19.59 -23.67 10.22
C GLY B 398 -18.77 -22.63 10.97
N VAL B 399 -18.44 -21.55 10.26
CA VAL B 399 -17.60 -20.50 10.82
C VAL B 399 -18.01 -19.15 10.25
N TRP B 400 -18.13 -18.15 11.14
CA TRP B 400 -18.17 -16.76 10.77
C TRP B 400 -16.73 -16.24 10.72
N ILE B 401 -16.31 -15.78 9.56
CA ILE B 401 -14.95 -15.32 9.30
C ILE B 401 -14.99 -13.81 9.09
N GLY B 402 -14.19 -13.08 9.85
CA GLY B 402 -13.96 -11.67 9.61
C GLY B 402 -12.62 -11.50 8.93
N ARG B 403 -12.62 -10.80 7.80
CA ARG B 403 -11.39 -10.66 7.05
C ARG B 403 -11.37 -9.38 6.25
N THR B 404 -10.16 -8.97 5.85
CA THR B 404 -10.02 -7.86 4.93
C THR B 404 -10.60 -8.22 3.57
N LYS B 405 -10.87 -7.19 2.77
CA LYS B 405 -11.27 -7.41 1.38
C LYS B 405 -10.08 -7.53 0.45
N SER B 406 -8.96 -6.88 0.76
CA SER B 406 -7.75 -7.02 -0.03
C SER B 406 -7.00 -8.28 0.36
N THR B 407 -6.42 -8.95 -0.62
CA THR B 407 -5.60 -10.13 -0.38
C THR B 407 -4.15 -9.77 -0.05
N SER B 408 -3.78 -8.50 -0.16
CA SER B 408 -2.40 -8.08 -0.01
C SER B 408 -2.19 -7.02 1.06
N SER B 409 -3.14 -6.11 1.23
CA SER B 409 -3.03 -5.04 2.21
C SER B 409 -4.18 -5.09 3.19
N ARG B 410 -4.02 -4.36 4.30
CA ARG B 410 -5.07 -4.25 5.31
C ARG B 410 -6.10 -3.22 4.86
N SER B 411 -6.89 -3.60 3.87
CA SER B 411 -7.90 -2.76 3.25
C SER B 411 -9.24 -3.48 3.25
N GLY B 412 -10.29 -2.75 3.63
CA GLY B 412 -11.64 -3.31 3.61
C GLY B 412 -11.88 -4.30 4.72
N PHE B 413 -13.13 -4.66 4.95
CA PHE B 413 -13.45 -5.69 5.93
C PHE B 413 -14.83 -6.26 5.61
N GLU B 414 -14.99 -7.55 5.88
CA GLU B 414 -16.20 -8.28 5.54
C GLU B 414 -16.38 -9.46 6.49
N MET B 415 -17.65 -9.77 6.74
CA MET B 415 -18.06 -10.95 7.49
C MET B 415 -18.60 -11.99 6.51
N ILE B 416 -18.16 -13.23 6.65
CA ILE B 416 -18.53 -14.30 5.74
C ILE B 416 -18.97 -15.51 6.56
N TRP B 417 -20.19 -15.97 6.34
CA TRP B 417 -20.69 -17.18 6.99
C TRP B 417 -20.47 -18.37 6.06
N ASP B 418 -19.62 -19.31 6.49
CA ASP B 418 -19.37 -20.53 5.73
C ASP B 418 -19.93 -21.69 6.55
N PRO B 419 -21.09 -22.26 6.18
CA PRO B 419 -21.75 -23.23 7.06
C PRO B 419 -21.01 -24.55 7.23
N ASN B 420 -19.94 -24.81 6.48
CA ASN B 420 -19.11 -25.99 6.70
C ASN B 420 -17.63 -25.64 6.75
N GLY B 421 -17.29 -24.36 6.93
CA GLY B 421 -15.93 -23.88 6.74
C GLY B 421 -14.96 -24.26 7.83
N TRP B 422 -15.45 -24.70 8.99
CA TRP B 422 -14.51 -25.08 10.04
C TRP B 422 -13.81 -26.38 9.71
N THR B 423 -14.49 -27.30 9.02
CA THR B 423 -13.96 -28.62 8.76
C THR B 423 -13.77 -28.95 7.28
N GLU B 424 -14.50 -28.29 6.38
CA GLU B 424 -14.43 -28.56 4.94
C GLU B 424 -13.59 -27.51 4.24
N THR B 425 -12.99 -27.89 3.12
CA THR B 425 -11.99 -27.08 2.43
C THR B 425 -12.52 -26.35 1.20
N ASP B 426 -13.81 -26.49 0.89
CA ASP B 426 -14.35 -25.81 -0.28
C ASP B 426 -14.42 -24.30 -0.03
N SER B 427 -14.42 -23.53 -1.12
CA SER B 427 -14.43 -22.08 -1.09
C SER B 427 -15.84 -21.49 -1.19
N SER B 428 -16.87 -22.31 -0.98
CA SER B 428 -18.24 -21.83 -1.07
C SER B 428 -18.72 -21.35 0.30
N PHE B 429 -19.51 -20.28 0.30
CA PHE B 429 -20.06 -19.74 1.53
C PHE B 429 -21.49 -19.28 1.25
N SER B 430 -22.22 -19.01 2.33
CA SER B 430 -23.63 -18.65 2.23
C SER B 430 -23.86 -17.14 2.21
N VAL B 431 -23.28 -16.41 3.17
CA VAL B 431 -23.60 -15.01 3.39
C VAL B 431 -22.32 -14.19 3.48
N LYS B 432 -22.34 -13.00 2.89
CA LYS B 432 -21.29 -12.00 3.03
C LYS B 432 -21.93 -10.68 3.44
N GLN B 433 -21.39 -10.06 4.49
CA GLN B 433 -21.84 -8.75 4.94
C GLN B 433 -20.68 -7.78 4.86
N ASP B 434 -20.84 -6.75 4.04
CA ASP B 434 -19.82 -5.72 3.88
C ASP B 434 -19.71 -4.87 5.13
N ILE B 435 -18.47 -4.58 5.55
CA ILE B 435 -18.19 -3.78 6.72
C ILE B 435 -17.39 -2.53 6.36
N VAL B 436 -16.34 -2.69 5.57
CA VAL B 436 -15.52 -1.57 5.08
C VAL B 436 -15.19 -1.82 3.62
N GLU B 437 -15.35 -0.80 2.78
CA GLU B 437 -15.01 -0.90 1.37
C GLU B 437 -13.52 -1.18 1.19
N ILE B 438 -13.20 -1.87 0.08
CA ILE B 438 -11.80 -2.17 -0.23
C ILE B 438 -11.01 -0.90 -0.50
N THR B 439 -11.68 0.21 -0.81
CA THR B 439 -11.01 1.49 -1.02
C THR B 439 -10.54 2.14 0.28
N ASP B 440 -10.85 1.56 1.42
CA ASP B 440 -10.57 2.18 2.71
C ASP B 440 -9.75 1.25 3.58
N TRP B 441 -8.97 1.85 4.47
CA TRP B 441 -8.05 1.09 5.31
C TRP B 441 -8.79 0.43 6.45
N SER B 442 -8.41 -0.82 6.73
CA SER B 442 -8.85 -1.48 7.95
C SER B 442 -7.60 -1.83 8.76
N GLY B 443 -7.56 -3.02 9.35
CA GLY B 443 -6.40 -3.41 10.14
C GLY B 443 -6.71 -4.55 11.08
N TYR B 444 -6.17 -4.49 12.31
CA TYR B 444 -6.44 -5.53 13.29
C TYR B 444 -7.93 -5.64 13.53
N SER B 445 -8.37 -6.84 13.91
CA SER B 445 -9.74 -7.05 14.31
C SER B 445 -9.75 -8.15 15.37
N GLY B 446 -10.77 -8.14 16.22
CA GLY B 446 -10.84 -9.12 17.27
C GLY B 446 -12.27 -9.38 17.71
N SER B 447 -12.43 -10.47 18.46
CA SER B 447 -13.72 -10.85 19.01
C SER B 447 -13.88 -10.33 20.43
N PHE B 448 -15.13 -10.14 20.83
CA PHE B 448 -15.46 -10.00 22.25
C PHE B 448 -16.88 -10.52 22.44
N VAL B 449 -17.21 -10.86 23.67
CA VAL B 449 -18.51 -11.47 23.94
C VAL B 449 -19.24 -10.64 24.99
N GLN B 450 -20.56 -10.73 24.95
CA GLN B 450 -21.43 -10.17 25.97
C GLN B 450 -22.12 -11.35 26.66
N HIS B 451 -21.86 -11.48 27.96
CA HIS B 451 -22.33 -12.62 28.75
C HIS B 451 -23.80 -12.45 29.13
N PRO B 452 -24.48 -13.56 29.44
CA PRO B 452 -25.86 -13.46 29.94
C PRO B 452 -26.03 -12.56 31.15
N GLU B 453 -25.02 -12.49 32.04
CA GLU B 453 -25.14 -11.68 33.23
C GLU B 453 -25.24 -10.19 32.91
N MET B 454 -24.85 -9.79 31.70
CA MET B 454 -25.02 -8.40 31.27
C MET B 454 -26.20 -8.21 30.33
N THR B 455 -26.43 -9.17 29.42
CA THR B 455 -27.46 -9.01 28.41
C THR B 455 -28.85 -9.46 28.86
N GLY B 456 -28.91 -10.46 29.75
CA GLY B 456 -30.19 -11.06 30.08
C GLY B 456 -30.61 -12.21 29.18
N LEU B 457 -29.85 -12.51 28.13
CA LEU B 457 -30.15 -13.62 27.25
C LEU B 457 -29.74 -14.94 27.90
N ASP B 458 -30.12 -16.05 27.27
CA ASP B 458 -29.74 -17.37 27.75
C ASP B 458 -28.54 -17.92 26.98
N CYS B 459 -27.82 -17.07 26.24
CA CYS B 459 -26.73 -17.51 25.40
C CYS B 459 -25.63 -16.47 25.43
N MET B 460 -24.47 -16.84 24.91
CA MET B 460 -23.31 -15.96 24.86
C MET B 460 -23.38 -15.15 23.56
N ARG B 461 -23.44 -13.83 23.67
CA ARG B 461 -23.54 -13.00 22.47
C ARG B 461 -22.16 -12.76 21.87
N PRO B 462 -21.94 -13.08 20.59
CA PRO B 462 -20.69 -12.72 19.93
C PRO B 462 -20.72 -11.31 19.35
N CYS B 463 -19.56 -10.67 19.39
CA CYS B 463 -19.35 -9.35 18.82
C CYS B 463 -17.91 -9.28 18.31
N PHE B 464 -17.62 -8.26 17.53
CA PHE B 464 -16.25 -8.06 17.09
C PHE B 464 -15.97 -6.57 16.91
N TRP B 465 -14.69 -6.23 16.96
CA TRP B 465 -14.20 -4.89 16.74
C TRP B 465 -13.20 -4.92 15.58
N VAL B 466 -13.11 -3.79 14.89
CA VAL B 466 -12.20 -3.61 13.76
C VAL B 466 -11.42 -2.32 13.98
N GLU B 467 -10.10 -2.40 13.80
CA GLU B 467 -9.21 -1.26 13.89
C GLU B 467 -8.96 -0.72 12.48
N LEU B 468 -9.20 0.57 12.30
CA LEU B 468 -9.00 1.24 11.02
C LEU B 468 -7.70 2.03 11.14
N ILE B 469 -6.65 1.52 10.50
CA ILE B 469 -5.30 2.04 10.65
C ILE B 469 -5.08 3.13 9.62
N ARG B 470 -4.57 4.27 10.08
CA ARG B 470 -4.21 5.37 9.21
C ARG B 470 -2.76 5.77 9.47
N GLY B 471 -2.12 6.27 8.44
CA GLY B 471 -0.76 6.75 8.53
C GLY B 471 0.27 5.85 7.87
N ARG B 472 1.46 5.86 8.44
CA ARG B 472 2.57 5.08 7.91
C ARG B 472 2.25 3.59 8.07
N PRO B 473 2.75 2.74 7.16
CA PRO B 473 3.67 3.02 6.04
C PRO B 473 2.98 3.45 4.76
N LYS B 474 1.65 3.35 4.67
CA LYS B 474 0.97 3.55 3.39
C LYS B 474 0.67 5.01 3.07
N GLU B 475 0.70 5.90 4.06
CA GLU B 475 0.32 7.30 3.86
C GLU B 475 1.43 8.24 4.28
N ASN B 476 1.40 9.45 3.71
CA ASN B 476 2.48 10.44 3.87
C ASN B 476 2.31 11.20 5.19
N THR B 477 2.51 10.47 6.29
CA THR B 477 2.48 11.03 7.62
C THR B 477 3.76 10.64 8.35
N ILE B 478 3.96 11.24 9.52
CA ILE B 478 5.03 10.81 10.42
C ILE B 478 4.54 9.82 11.44
N TRP B 479 3.24 9.51 11.45
CA TRP B 479 2.59 8.78 12.52
C TRP B 479 1.73 7.66 11.97
N THR B 480 1.32 6.78 12.88
CA THR B 480 0.40 5.68 12.60
C THR B 480 -0.55 5.57 13.78
N SER B 481 -1.85 5.56 13.52
CA SER B 481 -2.83 5.42 14.58
C SER B 481 -4.00 4.59 14.05
N GLY B 482 -4.94 4.30 14.92
CA GLY B 482 -6.13 3.58 14.49
C GLY B 482 -7.39 4.06 15.18
N SER B 483 -8.48 4.15 14.43
CA SER B 483 -9.79 4.33 15.05
C SER B 483 -10.49 2.96 15.10
N SER B 484 -11.69 2.92 15.66
CA SER B 484 -12.34 1.65 15.90
C SER B 484 -13.79 1.68 15.46
N ILE B 485 -14.26 0.53 14.98
CA ILE B 485 -15.69 0.26 14.85
C ILE B 485 -15.97 -1.08 15.51
N SER B 486 -17.23 -1.31 15.85
CA SER B 486 -17.59 -2.57 16.49
C SER B 486 -19.03 -2.93 16.17
N PHE B 487 -19.26 -4.24 16.03
CA PHE B 487 -20.54 -4.83 15.67
C PHE B 487 -20.84 -5.97 16.63
N CYS B 488 -22.12 -6.25 16.82
CA CYS B 488 -22.56 -7.42 17.58
C CYS B 488 -23.51 -8.25 16.74
N GLY B 489 -23.43 -9.57 16.88
CA GLY B 489 -24.31 -10.44 16.12
C GLY B 489 -25.72 -10.43 16.67
N VAL B 490 -26.69 -10.35 15.76
CA VAL B 490 -28.10 -10.36 16.11
C VAL B 490 -28.82 -11.38 15.23
N ASN B 491 -29.94 -11.87 15.75
CA ASN B 491 -30.83 -12.72 14.95
C ASN B 491 -32.00 -11.91 14.40
N SER B 492 -31.67 -10.80 13.75
CA SER B 492 -32.67 -9.94 13.14
C SER B 492 -32.05 -9.29 11.90
N ASP B 493 -32.80 -8.40 11.28
CA ASP B 493 -32.38 -7.82 10.01
C ASP B 493 -31.14 -6.96 10.17
N THR B 494 -30.20 -7.11 9.22
CA THR B 494 -28.98 -6.32 9.19
C THR B 494 -28.73 -5.86 7.76
N VAL B 495 -27.65 -5.12 7.56
CA VAL B 495 -27.30 -4.62 6.24
C VAL B 495 -25.79 -4.42 6.18
N GLY B 496 -25.25 -4.50 4.97
CA GLY B 496 -23.84 -4.24 4.73
C GLY B 496 -23.63 -2.83 4.21
N TRP B 497 -22.48 -2.27 4.52
CA TRP B 497 -22.16 -0.90 4.14
C TRP B 497 -20.64 -0.72 4.29
N SER B 498 -20.20 0.52 4.38
CA SER B 498 -18.82 0.86 4.65
C SER B 498 -18.81 1.94 5.72
N TRP B 499 -18.18 1.64 6.86
CA TRP B 499 -18.00 2.60 7.95
C TRP B 499 -16.50 2.83 8.10
N PRO B 500 -15.89 3.59 7.21
CA PRO B 500 -14.43 3.75 7.21
C PRO B 500 -13.98 4.76 8.26
N ASP B 501 -12.66 4.97 8.32
CA ASP B 501 -12.09 5.87 9.32
C ASP B 501 -12.58 7.29 9.13
N GLY B 502 -12.34 7.86 7.94
CA GLY B 502 -12.91 9.13 7.57
C GLY B 502 -12.04 10.35 7.74
N ALA B 503 -10.81 10.19 8.24
CA ALA B 503 -9.93 11.34 8.40
C ALA B 503 -9.27 11.69 7.07
N GLU B 504 -8.98 12.98 6.88
CA GLU B 504 -8.30 13.47 5.70
C GLU B 504 -6.82 13.60 6.03
N LEU B 505 -6.01 12.73 5.46
CA LEU B 505 -4.58 12.77 5.68
C LEU B 505 -3.88 13.41 4.48
N PRO B 506 -2.69 13.98 4.67
CA PRO B 506 -1.90 14.09 5.92
C PRO B 506 -2.39 15.19 6.85
N PHE B 507 -1.92 15.19 8.09
CA PHE B 507 -2.30 16.20 9.07
C PHE B 507 -1.32 17.38 9.03
N THR B 508 -1.62 18.41 9.84
CA THR B 508 -0.78 19.60 9.88
C THR B 508 0.65 19.26 10.31
N ILE B 509 0.81 18.36 11.28
CA ILE B 509 2.13 17.97 11.75
C ILE B 509 2.93 17.28 10.66
N ASP B 510 2.26 16.77 9.62
CA ASP B 510 2.87 16.04 8.53
C ASP B 510 3.32 16.94 7.38
N LYS B 511 3.11 18.24 7.49
CA LYS B 511 3.41 19.15 6.39
C LYS B 511 4.59 20.07 6.70
C1 NAG C . 3.43 -16.03 -5.47
C2 NAG C . 2.61 -17.27 -5.06
C3 NAG C . 2.63 -17.46 -3.54
C4 NAG C . 4.06 -17.44 -3.02
C5 NAG C . 4.71 -16.13 -3.45
C6 NAG C . 6.14 -15.95 -2.98
C7 NAG C . 0.69 -17.91 -6.50
C8 NAG C . 1.62 -18.87 -7.21
N2 NAG C . 1.25 -17.18 -5.51
O3 NAG C . 1.98 -18.68 -3.26
O4 NAG C . 3.98 -17.57 -1.61
O5 NAG C . 4.71 -16.07 -4.86
O6 NAG C . 6.95 -16.98 -3.48
O7 NAG C . -0.47 -17.79 -6.83
C1 NAG C . 4.92 -18.59 -1.19
C2 NAG C . 5.22 -18.37 0.29
C3 NAG C . 6.19 -19.45 0.78
C4 NAG C . 5.67 -20.85 0.43
C5 NAG C . 5.35 -20.89 -1.08
C6 NAG C . 4.81 -22.22 -1.57
C7 NAG C . 5.25 -16.08 1.24
C8 NAG C . 6.04 -14.79 1.25
N2 NAG C . 5.79 -17.06 0.48
O3 NAG C . 6.37 -19.27 2.16
O4 NAG C . 6.69 -21.77 0.74
O5 NAG C . 4.40 -19.89 -1.37
O6 NAG C . 3.43 -22.33 -1.26
O7 NAG C . 4.21 -16.19 1.87
C1 BMA C . 6.32 -22.54 1.91
C2 BMA C . 6.39 -24.01 1.52
C3 BMA C . 6.32 -24.96 2.76
C4 BMA C . 7.04 -24.47 4.04
C5 BMA C . 7.26 -22.96 4.17
C6 BMA C . 8.54 -22.60 4.91
O2 BMA C . 7.53 -24.24 0.73
O3 BMA C . 6.77 -26.20 2.30
O4 BMA C . 6.25 -24.95 5.10
O5 BMA C . 7.21 -22.22 2.97
O6 BMA C . 8.37 -23.01 6.26
C1 NAG D . 11.23 10.58 13.72
C2 NAG D . 12.66 10.99 14.10
C3 NAG D . 13.61 10.47 13.03
C4 NAG D . 13.41 8.98 12.78
C5 NAG D . 11.93 8.71 12.49
C6 NAG D . 11.60 7.26 12.26
C7 NAG D . 13.10 13.05 15.37
C8 NAG D . 13.12 14.56 15.26
N2 NAG D . 12.76 12.41 14.24
O3 NAG D . 14.92 10.78 13.45
O4 NAG D . 14.19 8.60 11.66
O5 NAG D . 11.18 9.18 13.58
O6 NAG D . 11.49 6.59 13.49
O7 NAG D . 13.36 12.48 16.42
C1 NAG D . 15.43 8.00 12.05
C2 NAG D . 15.72 6.86 11.05
C3 NAG D . 17.15 6.34 11.22
C4 NAG D . 18.15 7.48 11.22
C5 NAG D . 17.75 8.48 12.30
C6 NAG D . 18.67 9.67 12.43
C7 NAG D . 13.91 5.37 10.27
C8 NAG D . 13.03 4.21 10.66
N2 NAG D . 14.78 5.78 11.22
O3 NAG D . 17.39 5.42 10.18
O4 NAG D . 19.43 6.94 11.43
O5 NAG D . 16.45 8.96 12.03
O6 NAG D . 18.05 10.71 13.13
O7 NAG D . 13.84 5.87 9.15
CA CA E . 6.07 13.69 -4.68
CA CA F . -2.90 29.73 -13.06
C1 NAG G . 23.69 12.95 -52.31
C2 NAG G . 22.74 13.65 -51.31
C3 NAG G . 23.08 15.14 -51.20
C4 NAG G . 24.56 15.32 -50.88
C5 NAG G . 25.37 14.63 -51.98
C6 NAG G . 26.87 14.75 -51.79
C7 NAG G . 20.44 12.74 -51.09
C8 NAG G . 19.07 12.77 -51.70
N2 NAG G . 21.36 13.50 -51.71
O3 NAG G . 22.25 15.70 -50.21
O4 NAG G . 24.83 16.70 -50.82
O5 NAG G . 25.03 13.25 -51.99
O6 NAG G . 27.27 14.08 -50.63
O7 NAG G . 20.68 12.07 -50.09
C1 NAG H . 17.24 24.85 -37.73
C2 NAG H . 16.97 26.23 -38.36
C3 NAG H . 16.89 26.09 -39.89
C4 NAG H . 18.10 25.34 -40.44
C5 NAG H . 18.27 24.01 -39.70
C6 NAG H . 19.47 23.21 -40.13
C7 NAG H . 15.67 27.76 -36.91
C8 NAG H . 16.97 28.32 -36.41
N2 NAG H . 15.75 26.78 -37.82
O3 NAG H . 16.78 27.39 -40.42
O4 NAG H . 17.88 25.15 -41.82
O5 NAG H . 18.38 24.28 -38.31
O6 NAG H . 19.30 22.72 -41.44
O7 NAG H . 14.60 28.18 -36.47
CA CA I . -0.03 -15.44 7.59
CA CA J . -17.71 -23.95 2.49
C1 NAG K . -27.59 -11.82 50.28
C2 NAG K . -27.76 -12.16 48.79
C3 NAG K . -28.23 -13.61 48.63
C4 NAG K . -27.30 -14.55 49.39
C5 NAG K . -27.26 -14.12 50.85
C6 NAG K . -26.37 -15.00 51.72
C7 NAG K . -28.37 -10.34 47.25
C8 NAG K . -26.91 -10.24 46.91
N2 NAG K . -28.70 -11.28 48.16
O3 NAG K . -28.29 -13.91 47.27
O4 NAG K . -27.80 -15.87 49.23
O5 NAG K . -26.78 -12.78 50.91
O6 NAG K . -25.04 -14.87 51.30
O7 NAG K . -29.20 -9.61 46.71
C1 NAG L . -25.14 -22.65 33.47
C2 NAG L . -26.24 -23.72 33.41
C3 NAG L . -27.50 -23.26 34.13
C4 NAG L . -27.17 -22.77 35.54
C5 NAG L . -26.11 -21.67 35.42
C6 NAG L . -25.69 -21.08 36.74
C7 NAG L . -26.19 -25.22 31.44
C8 NAG L . -26.62 -25.33 29.99
N2 NAG L . -26.54 -24.06 32.04
O3 NAG L . -28.43 -24.32 34.14
O4 NAG L . -28.36 -22.30 36.11
O5 NAG L . -24.95 -22.22 34.81
O6 NAG L . -25.15 -22.07 37.58
O7 NAG L . -25.56 -26.11 31.98
#